data_6I0M
#
_entry.id   6I0M
#
_cell.length_a   134.729
_cell.length_b   134.729
_cell.length_c   324.081
_cell.angle_alpha   90.00
_cell.angle_beta   90.00
_cell.angle_gamma   90.00
#
_symmetry.space_group_name_H-M   'I 4 2 2'
#
loop_
_entity.id
_entity.type
_entity.pdbx_description
1 polymer "Inosine-5'-monophosphate dehydrogenase 2"
2 non-polymer "GUANOSINE-5'-MONOPHOSPHATE"
3 non-polymer "GUANOSINE-5'-DIPHOSPHATE"
4 non-polymer 'SULFATE ION'
5 water water
#
_entity_poly.entity_id   1
_entity_poly.type   'polypeptide(L)'
_entity_poly.pdbx_seq_one_letter_code
;GSHMADYLISGGTSYVPDDGLTAQQLFNCGDGLTYNDFLILPGYIDFTADQVDLTSALTKKITLKTPLVSSPMDTVTEAG
MAIAMALTGGIGFIHHNCTPEFQANEVRKVKKYEQGFITDPVVLSPKDRVRDVFEAKARHGFCGIPITDTGRMGSRLVGI
ISSRDIDFLKEEEHDCFLEEIMTKREDLVVAPAGITLKEANEILQRSKKGKLPIVNEDDELVAIIARTDLKKNRDYPLAS
KDAKKQLLCGAAIGTHEDDKYRLDLLAQAGVDVVVLDSSQGNSIFQINMIKYIKDKYPNLQVIGGNVVTAAQAKNLIDAG
VDALRVGMGSGSICITQEVLACGRPQATAVYKVSEYARRFGVPVIADGGIQNVGHIAKALALGASTVMMGSLLAATTEAP
GEYFFSDGIRLKKYRGMGSLDAMDKHLSSQNRYFSEADKIKVAQGVSGAVQDKGSIHKFVPYLIAGIQHSCQDIGAKSLT
QVRAMMYSGELKFEKRTSSAQVEGGVHSLHSYEKRLF
;
_entity_poly.pdbx_strand_id   A,B
#
# COMPACT_ATOMS: atom_id res chain seq x y z
N TYR A 15 0.87 -54.13 -20.14
CA TYR A 15 0.43 -54.25 -18.75
C TYR A 15 -0.59 -53.16 -18.39
N VAL A 16 -0.20 -51.90 -18.57
CA VAL A 16 -1.10 -50.76 -18.35
C VAL A 16 -1.56 -50.25 -19.71
N PRO A 17 -2.86 -50.19 -19.98
CA PRO A 17 -3.33 -49.74 -21.31
C PRO A 17 -2.90 -48.31 -21.60
N ASP A 18 -2.79 -48.00 -22.90
CA ASP A 18 -2.37 -46.67 -23.32
C ASP A 18 -3.52 -45.68 -23.13
N ASP A 19 -3.23 -44.56 -22.48
CA ASP A 19 -4.23 -43.53 -22.24
C ASP A 19 -3.76 -42.21 -22.84
N GLY A 20 -4.72 -41.31 -23.08
CA GLY A 20 -4.39 -39.95 -23.44
C GLY A 20 -3.88 -39.76 -24.86
N LEU A 21 -3.81 -38.50 -25.29
CA LEU A 21 -3.26 -38.11 -26.58
C LEU A 21 -2.01 -37.28 -26.36
N THR A 22 -1.02 -37.45 -27.24
CA THR A 22 0.13 -36.55 -27.20
C THR A 22 -0.26 -35.22 -27.84
N ALA A 23 0.56 -34.20 -27.56
CA ALA A 23 0.30 -32.88 -28.16
C ALA A 23 0.26 -32.96 -29.68
N GLN A 24 1.16 -33.74 -30.27
CA GLN A 24 1.21 -33.80 -31.73
C GLN A 24 -0.10 -34.32 -32.30
N GLN A 25 -0.67 -35.36 -31.67
CA GLN A 25 -1.92 -35.91 -32.16
C GLN A 25 -3.04 -34.88 -32.03
N LEU A 26 -3.02 -34.10 -30.97
CA LEU A 26 -4.12 -33.19 -30.67
C LEU A 26 -4.08 -31.95 -31.57
N PHE A 27 -2.90 -31.37 -31.79
CA PHE A 27 -2.77 -30.08 -32.46
C PHE A 27 -2.32 -30.19 -33.91
N ASN A 28 -1.26 -30.96 -34.18
CA ASN A 28 -0.70 -31.02 -35.54
C ASN A 28 -1.77 -31.36 -36.58
N CYS A 29 -2.92 -31.85 -36.15
CA CYS A 29 -4.03 -32.16 -37.03
C CYS A 29 -5.33 -31.83 -36.32
N GLY A 30 -6.37 -31.57 -37.11
CA GLY A 30 -7.70 -31.34 -36.57
C GLY A 30 -8.08 -29.87 -36.54
N ASP A 31 -9.14 -29.61 -35.78
CA ASP A 31 -9.69 -28.27 -35.65
C ASP A 31 -8.78 -27.38 -34.80
N GLY A 32 -9.07 -26.09 -34.80
CA GLY A 32 -8.31 -25.15 -34.01
C GLY A 32 -8.81 -25.11 -32.58
N LEU A 33 -7.90 -25.29 -31.63
CA LEU A 33 -8.23 -25.42 -30.21
C LEU A 33 -7.79 -24.18 -29.45
N THR A 34 -8.56 -23.86 -28.42
CA THR A 34 -8.21 -22.83 -27.46
C THR A 34 -7.84 -23.50 -26.13
N TYR A 35 -7.48 -22.70 -25.14
CA TYR A 35 -7.00 -23.27 -23.88
C TYR A 35 -8.07 -24.09 -23.16
N ASN A 36 -9.34 -23.68 -23.27
CA ASN A 36 -10.40 -24.38 -22.56
C ASN A 36 -10.86 -25.66 -23.25
N ASP A 37 -10.32 -25.99 -24.42
CA ASP A 37 -10.79 -27.14 -25.18
C ASP A 37 -10.12 -28.45 -24.77
N PHE A 38 -9.14 -28.42 -23.86
CA PHE A 38 -8.41 -29.63 -23.51
C PHE A 38 -7.94 -29.56 -22.06
N LEU A 39 -7.45 -30.70 -21.59
CA LEU A 39 -6.87 -30.83 -20.26
C LEU A 39 -5.57 -31.62 -20.37
N ILE A 40 -4.75 -31.51 -19.32
CA ILE A 40 -3.52 -32.27 -19.21
C ILE A 40 -3.72 -33.36 -18.17
N LEU A 41 -3.33 -34.59 -18.51
CA LEU A 41 -3.52 -35.68 -17.56
C LEU A 41 -2.41 -35.65 -16.51
N PRO A 42 -2.73 -36.02 -15.27
CA PRO A 42 -1.73 -35.97 -14.20
C PRO A 42 -0.74 -37.13 -14.30
N GLY A 43 0.38 -36.97 -13.58
CA GLY A 43 1.45 -37.94 -13.60
C GLY A 43 1.78 -38.42 -12.20
N TYR A 44 3.08 -38.50 -11.92
CA TYR A 44 3.59 -39.06 -10.67
C TYR A 44 4.39 -38.00 -9.91
N ILE A 45 4.14 -37.93 -8.60
CA ILE A 45 4.69 -36.88 -7.74
C ILE A 45 5.68 -37.51 -6.77
N ASP A 46 6.92 -37.04 -6.81
CA ASP A 46 7.93 -37.42 -5.83
C ASP A 46 8.70 -36.19 -5.36
N PHE A 47 8.02 -35.06 -5.30
CA PHE A 47 8.62 -33.79 -4.90
C PHE A 47 7.51 -32.82 -4.52
N THR A 48 7.88 -31.79 -3.77
CA THR A 48 6.93 -30.74 -3.40
C THR A 48 6.99 -29.59 -4.40
N ALA A 49 5.89 -28.84 -4.46
CA ALA A 49 5.80 -27.72 -5.39
C ALA A 49 6.87 -26.67 -5.13
N ASP A 50 7.41 -26.58 -3.92
CA ASP A 50 8.49 -25.63 -3.65
C ASP A 50 9.67 -25.87 -4.58
N GLN A 51 9.98 -27.14 -4.85
CA GLN A 51 11.16 -27.52 -5.61
C GLN A 51 11.04 -27.27 -7.10
N VAL A 52 9.89 -26.81 -7.59
CA VAL A 52 9.70 -26.62 -9.02
C VAL A 52 10.41 -25.34 -9.46
N ASP A 53 11.26 -25.47 -10.48
CA ASP A 53 11.98 -24.33 -11.05
C ASP A 53 11.21 -23.76 -12.23
N LEU A 54 10.97 -22.44 -12.21
CA LEU A 54 10.24 -21.78 -13.28
C LEU A 54 11.12 -20.92 -14.17
N THR A 55 12.45 -21.03 -14.05
CA THR A 55 13.33 -20.25 -14.91
C THR A 55 12.93 -20.40 -16.37
N SER A 56 12.86 -19.28 -17.08
CA SER A 56 12.39 -19.25 -18.44
C SER A 56 13.15 -18.21 -19.25
N ALA A 57 13.21 -18.42 -20.56
CA ALA A 57 13.94 -17.55 -21.46
C ALA A 57 12.97 -16.56 -22.12
N LEU A 58 13.18 -15.27 -21.86
CA LEU A 58 12.43 -14.25 -22.57
C LEU A 58 12.89 -14.14 -24.02
N THR A 59 14.19 -13.96 -24.23
CA THR A 59 14.76 -13.92 -25.56
C THR A 59 16.00 -14.81 -25.60
N LYS A 60 16.73 -14.78 -26.71
CA LYS A 60 17.90 -15.64 -26.82
C LYS A 60 18.91 -15.35 -25.72
N LYS A 61 19.19 -14.08 -25.45
CA LYS A 61 20.15 -13.71 -24.41
C LYS A 61 19.62 -13.33 -23.04
N ILE A 62 18.31 -13.27 -22.87
CA ILE A 62 17.71 -12.83 -21.61
C ILE A 62 16.95 -14.00 -20.99
N THR A 63 17.23 -14.27 -19.72
CA THR A 63 16.59 -15.35 -18.98
C THR A 63 15.98 -14.77 -17.71
N LEU A 64 14.77 -15.19 -17.36
CA LEU A 64 14.12 -14.66 -16.17
C LEU A 64 13.78 -15.74 -15.16
N LYS A 65 13.72 -15.37 -13.88
CA LYS A 65 13.33 -16.30 -12.83
C LYS A 65 11.89 -16.80 -13.00
N THR A 66 10.95 -15.93 -13.40
CA THR A 66 9.58 -16.34 -13.62
C THR A 66 9.24 -16.05 -15.08
N PRO A 67 8.23 -16.72 -15.63
CA PRO A 67 7.87 -16.53 -17.05
C PRO A 67 6.77 -15.51 -17.31
N LEU A 68 6.52 -14.60 -16.39
CA LEU A 68 5.43 -13.66 -16.52
C LEU A 68 5.90 -12.34 -17.10
N VAL A 69 5.09 -11.79 -18.00
CA VAL A 69 5.40 -10.58 -18.75
C VAL A 69 4.14 -9.72 -18.80
N SER A 70 4.27 -8.43 -18.50
CA SER A 70 3.14 -7.51 -18.55
C SER A 70 3.05 -6.87 -19.94
N SER A 71 1.82 -6.76 -20.44
CA SER A 71 1.63 -6.34 -21.82
C SER A 71 1.90 -4.85 -21.99
N PRO A 72 2.36 -4.43 -23.17
CA PRO A 72 2.58 -2.99 -23.44
C PRO A 72 1.30 -2.28 -23.86
N MET A 73 0.38 -2.14 -22.90
CA MET A 73 -0.87 -1.45 -23.12
C MET A 73 -0.91 -0.23 -22.20
N ASP A 74 -1.48 0.86 -22.72
CA ASP A 74 -1.56 2.10 -21.94
C ASP A 74 -2.27 1.90 -20.61
N THR A 75 -3.08 0.84 -20.48
CA THR A 75 -3.82 0.56 -19.26
C THR A 75 -3.18 -0.55 -18.42
N VAL A 76 -1.90 -0.86 -18.67
CA VAL A 76 -1.27 -1.97 -17.95
C VAL A 76 0.11 -1.60 -17.46
N THR A 77 1.02 -1.24 -18.37
CA THR A 77 2.44 -1.18 -18.03
C THR A 77 2.97 0.23 -18.19
N GLU A 78 3.36 0.83 -17.06
CA GLU A 78 4.17 2.04 -16.99
C GLU A 78 5.40 1.71 -16.14
N ALA A 79 6.11 2.75 -15.71
CA ALA A 79 7.27 2.53 -14.86
C ALA A 79 6.89 1.77 -13.60
N GLY A 80 5.74 2.11 -13.00
CA GLY A 80 5.31 1.43 -11.79
C GLY A 80 5.08 -0.06 -12.01
N MET A 81 4.47 -0.42 -13.14
CA MET A 81 4.27 -1.82 -13.45
C MET A 81 5.60 -2.51 -13.76
N ALA A 82 6.40 -1.91 -14.65
CA ALA A 82 7.62 -2.55 -15.08
C ALA A 82 8.55 -2.80 -13.91
N ILE A 83 8.56 -1.90 -12.93
CA ILE A 83 9.37 -2.11 -11.73
C ILE A 83 8.88 -3.32 -10.96
N ALA A 84 7.57 -3.37 -10.70
CA ALA A 84 7.01 -4.45 -9.87
C ALA A 84 7.19 -5.80 -10.55
N MET A 85 6.98 -5.87 -11.86
CA MET A 85 7.19 -7.13 -12.57
C MET A 85 8.65 -7.58 -12.46
N ALA A 86 9.58 -6.64 -12.59
CA ALA A 86 10.99 -7.00 -12.54
C ALA A 86 11.38 -7.54 -11.17
N LEU A 87 10.85 -6.94 -10.10
CA LEU A 87 11.19 -7.37 -8.76
C LEU A 87 10.61 -8.73 -8.41
N THR A 88 9.43 -9.05 -8.94
CA THR A 88 8.77 -10.31 -8.63
C THR A 88 9.26 -11.46 -9.51
N GLY A 89 10.16 -11.20 -10.45
CA GLY A 89 10.77 -12.24 -11.26
C GLY A 89 10.54 -12.12 -12.74
N GLY A 90 9.66 -11.23 -13.19
CA GLY A 90 9.35 -11.13 -14.61
C GLY A 90 9.91 -9.89 -15.25
N ILE A 91 9.13 -9.26 -16.14
CA ILE A 91 9.56 -8.06 -16.83
C ILE A 91 8.31 -7.35 -17.35
N GLY A 92 8.42 -6.06 -17.60
CA GLY A 92 7.35 -5.28 -18.18
C GLY A 92 7.78 -4.61 -19.47
N PHE A 93 6.83 -4.49 -20.39
CA PHE A 93 7.05 -3.79 -21.66
C PHE A 93 6.25 -2.50 -21.63
N ILE A 94 6.95 -1.37 -21.64
CA ILE A 94 6.28 -0.08 -21.56
C ILE A 94 5.63 0.22 -22.91
N HIS A 95 4.38 0.67 -22.87
CA HIS A 95 3.64 0.94 -24.09
C HIS A 95 4.22 2.17 -24.79
N HIS A 96 3.81 2.35 -26.05
CA HIS A 96 4.28 3.46 -26.87
C HIS A 96 3.13 4.36 -27.31
N ASN A 97 2.00 4.32 -26.60
CA ASN A 97 0.90 5.24 -26.85
C ASN A 97 1.17 6.55 -26.08
N CYS A 98 2.27 7.20 -26.46
CA CYS A 98 2.76 8.39 -25.79
C CYS A 98 3.92 8.92 -26.63
N THR A 99 4.39 10.11 -26.26
CA THR A 99 5.51 10.69 -26.97
C THR A 99 6.77 9.88 -26.70
N PRO A 100 7.71 9.85 -27.65
CA PRO A 100 8.99 9.17 -27.38
C PRO A 100 9.67 9.67 -26.12
N GLU A 101 9.64 10.99 -25.88
CA GLU A 101 10.30 11.53 -24.70
C GLU A 101 9.67 11.01 -23.42
N PHE A 102 8.34 10.91 -23.39
CA PHE A 102 7.66 10.37 -22.22
C PHE A 102 8.04 8.90 -22.01
N GLN A 103 7.95 8.10 -23.06
CA GLN A 103 8.23 6.67 -22.93
C GLN A 103 9.66 6.44 -22.46
N ALA A 104 10.62 7.16 -23.03
CA ALA A 104 12.01 6.98 -22.64
C ALA A 104 12.20 7.32 -21.16
N ASN A 105 11.48 8.33 -20.66
CA ASN A 105 11.59 8.67 -19.25
C ASN A 105 11.09 7.54 -18.36
N GLU A 106 10.00 6.88 -18.76
CA GLU A 106 9.51 5.73 -18.00
C GLU A 106 10.55 4.63 -17.93
N VAL A 107 11.26 4.39 -19.04
CA VAL A 107 12.34 3.40 -19.02
C VAL A 107 13.42 3.82 -18.04
N ARG A 108 13.80 5.10 -18.04
CA ARG A 108 14.82 5.58 -17.11
C ARG A 108 14.43 5.26 -15.67
N LYS A 109 13.16 5.50 -15.32
CA LYS A 109 12.70 5.25 -13.96
C LYS A 109 12.88 3.80 -13.55
N VAL A 110 12.58 2.87 -14.46
CA VAL A 110 12.77 1.45 -14.16
C VAL A 110 14.25 1.16 -13.95
N LYS A 111 15.10 1.70 -14.83
CA LYS A 111 16.52 1.38 -14.79
C LYS A 111 17.21 2.04 -13.59
N LYS A 112 16.70 3.17 -13.13
CA LYS A 112 17.32 3.87 -12.00
C LYS A 112 16.72 3.48 -10.65
N TYR A 113 15.67 2.67 -10.63
CA TYR A 113 15.05 2.31 -9.36
C TYR A 113 16.07 1.63 -8.43
N GLU A 114 16.61 0.50 -8.87
CA GLU A 114 17.67 -0.20 -8.16
C GLU A 114 18.99 0.01 -8.90
N GLN A 115 20.09 -0.04 -8.16
CA GLN A 115 21.38 0.27 -8.76
C GLN A 115 22.49 -0.38 -7.95
N GLY A 116 23.61 -0.61 -8.63
CA GLY A 116 24.82 -1.06 -7.97
C GLY A 116 25.73 0.13 -7.77
N PHE A 117 26.80 0.22 -8.57
CA PHE A 117 27.56 1.46 -8.64
C PHE A 117 26.72 2.54 -9.30
N ILE A 118 26.39 3.59 -8.56
CA ILE A 118 25.63 4.72 -9.10
C ILE A 118 26.67 5.63 -9.77
N THR A 119 26.75 5.55 -11.09
CA THR A 119 27.77 6.27 -11.85
C THR A 119 27.37 7.69 -12.24
N ASP A 120 26.11 8.07 -12.06
CA ASP A 120 25.64 9.41 -12.43
C ASP A 120 24.68 9.93 -11.36
N PRO A 121 25.15 10.03 -10.13
CA PRO A 121 24.26 10.47 -9.03
C PRO A 121 24.03 11.98 -9.05
N VAL A 122 23.08 12.39 -8.22
CA VAL A 122 22.82 13.80 -7.96
C VAL A 122 23.95 14.39 -7.15
N VAL A 123 24.59 15.43 -7.67
CA VAL A 123 25.69 16.09 -6.97
C VAL A 123 25.38 17.57 -6.83
N LEU A 124 25.82 18.15 -5.72
CA LEU A 124 25.63 19.56 -5.42
C LEU A 124 26.97 20.20 -5.08
N SER A 125 27.03 21.52 -5.27
CA SER A 125 28.20 22.32 -4.91
C SER A 125 28.14 22.73 -3.44
N PRO A 126 29.28 22.96 -2.80
CA PRO A 126 29.26 23.40 -1.40
C PRO A 126 28.57 24.73 -1.20
N LYS A 127 28.65 25.63 -2.18
CA LYS A 127 27.98 26.93 -2.07
C LYS A 127 26.47 26.77 -2.08
N ASP A 128 25.96 25.68 -2.68
CA ASP A 128 24.52 25.46 -2.76
C ASP A 128 23.90 25.51 -1.36
N ARG A 129 22.60 25.77 -1.30
CA ARG A 129 21.90 25.96 -0.04
C ARG A 129 21.05 24.74 0.29
N VAL A 130 20.44 24.79 1.46
CA VAL A 130 19.54 23.74 1.91
C VAL A 130 18.32 23.60 0.98
N ARG A 131 17.77 24.71 0.45
CA ARG A 131 16.65 24.63 -0.46
C ARG A 131 16.95 23.77 -1.69
N ASP A 132 18.15 23.84 -2.25
CA ASP A 132 18.47 23.02 -3.40
C ASP A 132 18.31 21.56 -3.04
N VAL A 133 18.71 21.15 -1.84
CA VAL A 133 18.55 19.75 -1.49
C VAL A 133 17.08 19.36 -1.49
N PHE A 134 16.23 20.23 -0.93
CA PHE A 134 14.80 19.92 -0.85
C PHE A 134 14.17 19.82 -2.24
N GLU A 135 14.60 20.69 -3.17
CA GLU A 135 14.12 20.58 -4.55
C GLU A 135 14.43 19.20 -5.12
N ALA A 136 15.62 18.67 -4.83
CA ALA A 136 16.01 17.38 -5.39
C ALA A 136 15.17 16.24 -4.82
N LYS A 137 14.97 16.23 -3.49
CA LYS A 137 14.18 15.17 -2.87
C LYS A 137 12.78 15.12 -3.47
N ALA A 138 12.20 16.26 -3.79
CA ALA A 138 10.86 16.28 -4.36
C ALA A 138 10.88 15.74 -5.79
N ARG A 139 11.85 16.19 -6.59
CA ARG A 139 11.91 15.80 -8.00
C ARG A 139 12.26 14.32 -8.14
N HIS A 140 13.34 13.88 -7.49
CA HIS A 140 13.85 12.52 -7.66
C HIS A 140 13.38 11.57 -6.57
N GLY A 141 13.31 12.02 -5.31
CA GLY A 141 12.79 11.20 -4.23
C GLY A 141 13.80 10.82 -3.18
N PHE A 142 15.05 11.24 -3.29
CA PHE A 142 16.09 10.90 -2.33
C PHE A 142 16.89 12.13 -1.94
N CYS A 143 17.44 12.09 -0.72
CA CYS A 143 18.17 13.21 -0.14
C CYS A 143 19.65 12.96 0.04
N GLY A 144 20.12 11.73 -0.17
CA GLY A 144 21.53 11.44 0.00
C GLY A 144 22.34 11.97 -1.17
N ILE A 145 23.01 13.10 -0.98
CA ILE A 145 23.70 13.80 -2.06
C ILE A 145 25.16 14.02 -1.69
N PRO A 146 26.11 13.57 -2.51
CA PRO A 146 27.50 13.99 -2.30
C PRO A 146 27.73 15.39 -2.86
N ILE A 147 28.68 16.08 -2.24
CA ILE A 147 29.00 17.47 -2.57
C ILE A 147 30.43 17.52 -3.08
N THR A 148 30.61 18.14 -4.25
CA THR A 148 31.92 18.33 -4.84
C THR A 148 32.13 19.81 -5.13
N ASP A 149 33.40 20.22 -5.15
CA ASP A 149 33.74 21.63 -5.36
C ASP A 149 32.97 22.22 -6.53
N THR A 150 33.11 21.61 -7.71
CA THR A 150 32.40 22.08 -8.89
C THR A 150 30.91 21.73 -8.84
N GLY A 151 30.47 20.96 -7.86
CA GLY A 151 29.14 20.40 -7.89
C GLY A 151 28.90 19.57 -9.14
N ARG A 152 29.91 18.80 -9.56
CA ARG A 152 29.83 17.97 -10.74
C ARG A 152 30.53 16.65 -10.44
N MET A 153 30.38 15.69 -11.35
CA MET A 153 30.85 14.35 -11.06
C MET A 153 32.37 14.28 -11.07
N GLY A 154 33.02 14.98 -12.00
CA GLY A 154 34.47 14.89 -12.12
C GLY A 154 35.23 15.58 -10.99
N SER A 155 34.56 16.46 -10.24
CA SER A 155 35.24 17.32 -9.29
C SER A 155 35.63 16.55 -8.02
N ARG A 156 36.40 17.20 -7.16
CA ARG A 156 36.81 16.56 -5.92
C ARG A 156 35.64 16.44 -4.96
N LEU A 157 35.68 15.42 -4.10
CA LEU A 157 34.61 15.20 -3.15
C LEU A 157 34.98 15.90 -1.86
N VAL A 158 34.12 16.81 -1.43
CA VAL A 158 34.36 17.59 -0.23
C VAL A 158 33.46 17.14 0.93
N GLY A 159 32.21 16.79 0.66
CA GLY A 159 31.31 16.37 1.73
C GLY A 159 30.14 15.57 1.21
N ILE A 160 29.37 15.04 2.17
CA ILE A 160 28.19 14.22 1.87
C ILE A 160 27.03 14.70 2.73
N ILE A 161 25.82 14.63 2.17
CA ILE A 161 24.61 15.01 2.87
C ILE A 161 23.67 13.82 2.99
N SER A 162 23.07 13.67 4.17
CA SER A 162 22.10 12.63 4.43
C SER A 162 20.76 13.26 4.77
N SER A 163 19.72 12.42 4.81
CA SER A 163 18.39 12.90 5.17
C SER A 163 18.38 13.44 6.60
N ARG A 164 19.19 12.87 7.48
CA ARG A 164 19.23 13.32 8.87
C ARG A 164 19.91 14.68 9.01
N ASP A 165 20.74 15.07 8.04
CA ASP A 165 21.36 16.39 8.08
C ASP A 165 20.32 17.49 7.83
N ILE A 166 19.39 17.24 6.92
CA ILE A 166 18.36 18.20 6.56
C ILE A 166 17.00 17.81 7.14
N ASP A 167 17.00 16.86 8.07
CA ASP A 167 15.76 16.28 8.66
C ASP A 167 14.90 17.37 9.31
N PHE A 168 15.28 17.89 10.49
CA PHE A 168 14.50 18.94 11.20
C PHE A 168 15.28 20.25 11.13
N LEU A 169 14.83 21.26 10.36
CA LEU A 169 15.52 22.56 10.22
C LEU A 169 14.49 23.68 10.09
N GLU A 173 14.10 25.58 10.78
CA GLU A 173 13.42 25.44 9.47
C GLU A 173 13.80 26.63 8.57
N HIS A 174 15.10 26.90 8.43
CA HIS A 174 15.67 27.99 7.60
C HIS A 174 16.78 27.42 6.71
N ASP A 175 16.95 27.97 5.51
CA ASP A 175 17.96 27.53 4.51
C ASP A 175 19.34 28.08 4.89
N CYS A 176 20.41 27.36 4.54
CA CYS A 176 21.79 27.72 4.83
C CYS A 176 22.66 27.09 3.74
N PHE A 177 23.91 27.54 3.66
CA PHE A 177 24.84 26.92 2.72
C PHE A 177 25.09 25.48 3.15
N LEU A 178 25.21 24.59 2.16
CA LEU A 178 25.47 23.18 2.46
C LEU A 178 26.81 22.99 3.16
N GLU A 179 27.81 23.81 2.82
CA GLU A 179 29.07 23.84 3.55
C GLU A 179 28.89 23.76 5.07
N GLU A 180 27.74 24.21 5.58
CA GLU A 180 27.54 24.27 7.03
C GLU A 180 27.06 22.94 7.61
N ILE A 181 26.34 22.13 6.84
CA ILE A 181 25.68 20.94 7.35
C ILE A 181 26.40 19.67 6.90
N MET A 182 26.77 19.60 5.62
CA MET A 182 27.43 18.43 5.08
C MET A 182 28.57 17.99 5.98
N THR A 183 28.83 16.69 6.01
CA THR A 183 29.94 16.13 6.77
C THR A 183 31.15 16.13 5.85
N LYS A 184 32.19 16.86 6.24
CA LYS A 184 33.34 17.09 5.39
C LYS A 184 34.07 15.79 5.07
N ARG A 185 35.00 15.88 4.13
CA ARG A 185 35.74 14.73 3.64
C ARG A 185 36.52 13.95 4.68
N GLU A 186 37.18 14.63 5.61
CA GLU A 186 37.96 13.92 6.62
C GLU A 186 37.14 12.95 7.48
N ASP A 187 35.96 13.38 7.95
CA ASP A 187 35.13 12.50 8.76
C ASP A 187 34.57 11.26 8.04
N LEU A 188 34.11 11.41 6.81
CA LEU A 188 33.52 10.29 6.07
C LEU A 188 34.51 9.26 5.54
N VAL A 189 34.01 8.06 5.29
CA VAL A 189 34.83 6.95 4.81
C VAL A 189 34.61 6.78 3.31
N VAL A 190 35.68 6.59 2.53
CA VAL A 190 35.59 6.42 1.10
C VAL A 190 36.36 5.19 0.64
N ALA A 191 36.03 4.67 -0.53
CA ALA A 191 36.69 3.49 -1.07
C ALA A 191 37.38 3.82 -2.39
N PRO A 192 38.45 3.12 -2.74
CA PRO A 192 39.16 3.44 -3.98
C PRO A 192 38.43 2.91 -5.20
N ALA A 193 38.54 3.68 -6.29
CA ALA A 193 37.97 3.26 -7.56
C ALA A 193 38.66 1.99 -8.05
N GLY A 194 37.95 1.21 -8.85
CA GLY A 194 38.43 -0.05 -9.38
C GLY A 194 38.00 -1.28 -8.61
N ILE A 195 37.62 -1.14 -7.34
CA ILE A 195 37.22 -2.32 -6.58
C ILE A 195 35.95 -2.92 -7.15
N THR A 196 35.70 -4.18 -6.81
CA THR A 196 34.52 -4.89 -7.23
C THR A 196 33.30 -4.41 -6.46
N LEU A 197 32.12 -4.61 -7.04
CA LEU A 197 30.90 -4.25 -6.34
C LEU A 197 30.80 -5.00 -5.03
N LYS A 198 31.11 -6.31 -5.05
CA LYS A 198 31.08 -7.11 -3.84
C LYS A 198 31.94 -6.51 -2.74
N GLU A 199 33.18 -6.13 -3.08
CA GLU A 199 34.07 -5.52 -2.10
C GLU A 199 33.47 -4.23 -1.55
N ALA A 200 33.01 -3.35 -2.43
CA ALA A 200 32.46 -2.07 -1.98
C ALA A 200 31.28 -2.27 -1.04
N ASN A 201 30.50 -3.34 -1.22
CA ASN A 201 29.38 -3.59 -0.32
C ASN A 201 29.86 -4.03 1.05
N GLU A 202 30.88 -4.87 1.11
CA GLU A 202 31.43 -5.27 2.40
C GLU A 202 31.92 -4.05 3.18
N ILE A 203 32.56 -3.11 2.49
CA ILE A 203 32.97 -1.87 3.14
C ILE A 203 31.75 -1.11 3.65
N LEU A 204 30.72 -1.00 2.81
CA LEU A 204 29.52 -0.27 3.21
C LEU A 204 28.85 -0.89 4.43
N GLN A 205 28.74 -2.22 4.44
CA GLN A 205 28.10 -2.90 5.56
C GLN A 205 28.85 -2.65 6.86
N ARG A 206 30.19 -2.60 6.79
CA ARG A 206 31.00 -2.38 7.99
C ARG A 206 30.89 -0.95 8.49
N SER A 207 30.83 0.02 7.58
CA SER A 207 30.74 1.42 7.99
C SER A 207 29.43 1.73 8.68
N LYS A 208 28.40 0.90 8.49
CA LYS A 208 27.08 1.14 9.07
C LYS A 208 26.47 2.45 8.60
N LYS A 209 27.01 3.01 7.52
CA LYS A 209 26.50 4.23 6.92
C LYS A 209 25.53 3.93 5.79
N GLY A 210 24.87 4.98 5.32
CA GLY A 210 23.89 4.82 4.26
C GLY A 210 24.48 4.73 2.89
N LYS A 211 25.66 5.33 2.68
CA LYS A 211 26.29 5.37 1.37
C LYS A 211 27.80 5.27 1.50
N LEU A 212 28.42 4.90 0.39
CA LEU A 212 29.88 4.78 0.29
C LEU A 212 30.36 5.48 -0.97
N PRO A 213 31.05 6.62 -0.87
CA PRO A 213 31.60 7.23 -2.08
C PRO A 213 32.79 6.45 -2.60
N ILE A 214 32.95 6.48 -3.91
CA ILE A 214 34.09 5.85 -4.59
C ILE A 214 34.87 6.97 -5.26
N VAL A 215 36.20 6.92 -5.12
CA VAL A 215 37.06 7.99 -5.63
C VAL A 215 38.26 7.39 -6.32
N ASN A 216 38.85 8.19 -7.20
CA ASN A 216 40.10 7.85 -7.87
C ASN A 216 41.28 8.35 -7.02
N GLU A 217 42.48 8.00 -7.45
CA GLU A 217 43.69 8.38 -6.72
C GLU A 217 43.71 9.87 -6.40
N ASP A 218 43.14 10.70 -7.27
CA ASP A 218 43.11 12.15 -7.07
C ASP A 218 41.95 12.60 -6.19
N ASP A 219 41.18 11.68 -5.62
CA ASP A 219 40.14 12.01 -4.65
C ASP A 219 38.92 12.66 -5.29
N GLU A 220 38.64 12.34 -6.55
CA GLU A 220 37.45 12.82 -7.24
C GLU A 220 36.38 11.75 -7.23
N LEU A 221 35.12 12.17 -7.16
CA LEU A 221 34.01 11.24 -7.03
C LEU A 221 33.76 10.54 -8.36
N VAL A 222 33.86 9.22 -8.37
CA VAL A 222 33.59 8.44 -9.56
C VAL A 222 32.26 7.68 -9.49
N ALA A 223 31.80 7.33 -8.29
CA ALA A 223 30.54 6.61 -8.14
C ALA A 223 30.23 6.50 -6.65
N ILE A 224 28.98 6.11 -6.35
CA ILE A 224 28.55 5.83 -4.99
C ILE A 224 27.70 4.57 -4.99
N ILE A 225 27.60 3.93 -3.83
CA ILE A 225 26.69 2.81 -3.63
C ILE A 225 25.80 3.12 -2.44
N ALA A 226 24.56 2.63 -2.51
CA ALA A 226 23.53 2.94 -1.54
C ALA A 226 23.19 1.71 -0.72
N ARG A 227 22.93 1.91 0.57
CA ARG A 227 22.66 0.79 1.46
C ARG A 227 21.31 0.14 1.14
N THR A 228 20.31 0.94 0.75
CA THR A 228 18.99 0.38 0.51
C THR A 228 19.00 -0.60 -0.65
N ASP A 229 19.86 -0.36 -1.64
CA ASP A 229 19.99 -1.31 -2.75
C ASP A 229 20.31 -2.71 -2.23
N LEU A 230 21.15 -2.81 -1.21
CA LEU A 230 21.40 -4.11 -0.59
C LEU A 230 20.12 -4.66 0.02
N LYS A 231 19.28 -3.78 0.59
CA LYS A 231 18.02 -4.24 1.12
C LYS A 231 17.09 -4.72 0.01
N LYS A 232 17.17 -4.11 -1.17
CA LYS A 232 16.34 -4.55 -2.29
C LYS A 232 16.76 -5.91 -2.80
N ASN A 233 18.09 -6.13 -2.94
CA ASN A 233 18.57 -7.44 -3.36
C ASN A 233 18.12 -8.52 -2.39
N ARG A 234 18.09 -8.20 -1.10
CA ARG A 234 17.68 -9.18 -0.10
C ARG A 234 16.18 -9.43 -0.15
N ASP A 235 15.38 -8.37 -0.30
CA ASP A 235 13.93 -8.49 -0.26
C ASP A 235 13.33 -9.06 -1.55
N TYR A 236 14.03 -8.94 -2.69
CA TYR A 236 13.53 -9.43 -3.97
C TYR A 236 14.58 -10.34 -4.59
N PRO A 237 14.72 -11.57 -4.09
CA PRO A 237 15.75 -12.47 -4.61
C PRO A 237 15.59 -12.82 -6.08
N LEU A 238 14.38 -12.74 -6.64
CA LEU A 238 14.13 -13.14 -8.01
C LEU A 238 14.18 -11.96 -8.98
N ALA A 239 14.54 -10.77 -8.51
CA ALA A 239 14.55 -9.60 -9.35
C ALA A 239 15.28 -9.88 -10.67
N SER A 240 14.72 -9.34 -11.75
CA SER A 240 15.30 -9.49 -13.09
C SER A 240 16.21 -8.29 -13.33
N LYS A 241 17.51 -8.51 -13.32
CA LYS A 241 18.48 -7.42 -13.37
C LYS A 241 19.56 -7.71 -14.40
N ASP A 242 20.17 -6.63 -14.90
CA ASP A 242 21.29 -6.76 -15.83
C ASP A 242 22.59 -6.85 -15.03
N ALA A 243 23.73 -6.77 -15.71
CA ALA A 243 25.01 -6.95 -15.02
C ALA A 243 25.28 -5.80 -14.06
N LYS A 244 24.75 -4.62 -14.35
CA LYS A 244 24.93 -3.46 -13.46
C LYS A 244 23.92 -3.44 -12.31
N LYS A 245 23.25 -4.56 -12.06
CA LYS A 245 22.27 -4.69 -10.98
C LYS A 245 21.08 -3.76 -11.14
N GLN A 246 20.86 -3.24 -12.34
CA GLN A 246 19.67 -2.45 -12.64
C GLN A 246 18.57 -3.37 -13.15
N LEU A 247 17.32 -3.03 -12.80
CA LEU A 247 16.19 -3.83 -13.23
C LEU A 247 16.11 -3.87 -14.75
N LEU A 248 15.60 -4.97 -15.28
CA LEU A 248 15.37 -5.10 -16.70
C LEU A 248 14.10 -4.38 -17.10
N CYS A 249 14.11 -3.81 -18.31
CA CYS A 249 12.96 -3.07 -18.80
C CYS A 249 12.87 -3.26 -20.30
N GLY A 250 11.65 -3.49 -20.78
CA GLY A 250 11.37 -3.57 -22.19
C GLY A 250 10.47 -2.41 -22.62
N ALA A 251 10.29 -2.29 -23.93
CA ALA A 251 9.43 -1.24 -24.46
C ALA A 251 8.97 -1.62 -25.86
N ALA A 252 7.81 -1.12 -26.24
CA ALA A 252 7.24 -1.39 -27.55
C ALA A 252 7.46 -0.19 -28.46
N ILE A 253 7.57 -0.48 -29.77
CA ILE A 253 7.69 0.55 -30.81
C ILE A 253 6.95 0.04 -32.04
N GLY A 254 6.75 0.93 -33.00
CA GLY A 254 6.15 0.59 -34.27
C GLY A 254 7.20 0.27 -35.32
N THR A 255 6.72 0.14 -36.56
CA THR A 255 7.59 -0.17 -37.69
C THR A 255 7.62 0.96 -38.71
N HIS A 256 7.08 2.13 -38.39
CA HIS A 256 7.13 3.27 -39.28
C HIS A 256 8.46 4.01 -39.13
N GLU A 257 8.78 4.81 -40.13
CA GLU A 257 10.03 5.59 -40.10
C GLU A 257 10.12 6.43 -38.85
N ASP A 258 8.99 6.95 -38.36
CA ASP A 258 9.01 7.83 -37.20
C ASP A 258 9.46 7.11 -35.93
N ASP A 259 9.33 5.79 -35.87
CA ASP A 259 9.71 5.02 -34.69
C ASP A 259 11.21 4.78 -34.59
N LYS A 260 11.98 5.07 -35.64
CA LYS A 260 13.43 4.92 -35.54
C LYS A 260 14.00 5.93 -34.54
N TYR A 261 13.42 7.12 -34.49
CA TYR A 261 13.84 8.11 -33.50
C TYR A 261 13.42 7.70 -32.10
N ARG A 262 12.19 7.21 -31.95
CA ARG A 262 11.74 6.69 -30.65
C ARG A 262 12.67 5.59 -30.15
N LEU A 263 13.13 4.73 -31.05
CA LEU A 263 14.07 3.69 -30.66
C LEU A 263 15.36 4.29 -30.12
N ASP A 264 15.94 5.26 -30.83
CA ASP A 264 17.15 5.90 -30.34
C ASP A 264 16.98 6.39 -28.90
N LEU A 265 15.86 7.05 -28.61
CA LEU A 265 15.65 7.52 -27.23
C LEU A 265 15.58 6.36 -26.25
N LEU A 266 14.89 5.29 -26.61
CA LEU A 266 14.77 4.15 -25.71
C LEU A 266 16.12 3.48 -25.49
N ALA A 267 16.92 3.34 -26.54
CA ALA A 267 18.25 2.75 -26.39
C ALA A 267 19.10 3.58 -25.44
N GLN A 268 19.08 4.91 -25.59
CA GLN A 268 19.85 5.77 -24.71
C GLN A 268 19.39 5.66 -23.27
N ALA A 269 18.09 5.51 -23.04
CA ALA A 269 17.56 5.31 -21.70
C ALA A 269 17.90 3.94 -21.13
N GLY A 270 18.53 3.06 -21.90
CA GLY A 270 18.99 1.79 -21.38
C GLY A 270 17.99 0.65 -21.49
N VAL A 271 17.07 0.70 -22.46
CA VAL A 271 16.11 -0.39 -22.61
C VAL A 271 16.86 -1.68 -22.97
N ASP A 272 16.38 -2.79 -22.42
CA ASP A 272 17.06 -4.07 -22.59
C ASP A 272 16.50 -4.89 -23.76
N VAL A 273 15.24 -4.68 -24.10
CA VAL A 273 14.57 -5.49 -25.13
C VAL A 273 13.43 -4.66 -25.69
N VAL A 274 13.14 -4.85 -26.97
CA VAL A 274 12.13 -4.08 -27.67
C VAL A 274 11.21 -5.05 -28.39
N VAL A 275 9.91 -4.79 -28.32
CA VAL A 275 8.91 -5.59 -29.03
C VAL A 275 8.24 -4.70 -30.07
N LEU A 276 8.06 -5.25 -31.27
CA LEU A 276 7.46 -4.49 -32.37
C LEU A 276 5.96 -4.70 -32.32
N ASP A 277 5.24 -3.68 -31.87
CA ASP A 277 3.81 -3.76 -31.66
C ASP A 277 3.09 -3.79 -33.00
N SER A 278 2.52 -4.93 -33.36
CA SER A 278 1.80 -5.08 -34.61
C SER A 278 0.88 -6.30 -34.52
N SER A 279 -0.27 -6.21 -35.18
CA SER A 279 -1.22 -7.32 -35.18
C SER A 279 -0.92 -8.35 -36.26
N GLN A 280 -0.12 -8.00 -37.28
CA GLN A 280 0.26 -8.94 -38.34
C GLN A 280 1.72 -8.63 -38.66
N GLY A 281 2.63 -9.35 -38.03
CA GLY A 281 4.04 -9.01 -38.09
C GLY A 281 4.77 -9.47 -39.33
N ASN A 282 4.12 -10.25 -40.20
CA ASN A 282 4.79 -10.82 -41.36
C ASN A 282 4.70 -9.82 -42.52
N SER A 283 5.57 -8.81 -42.48
CA SER A 283 5.56 -7.76 -43.49
C SER A 283 6.96 -7.21 -43.69
N ILE A 284 7.21 -6.68 -44.90
CA ILE A 284 8.46 -5.96 -45.15
C ILE A 284 8.67 -4.87 -44.12
N PHE A 285 7.59 -4.19 -43.73
CA PHE A 285 7.74 -3.07 -42.81
C PHE A 285 8.41 -3.52 -41.51
N GLN A 286 7.99 -4.67 -40.99
CA GLN A 286 8.61 -5.18 -39.77
C GLN A 286 9.96 -5.85 -40.06
N ILE A 287 10.07 -6.56 -41.17
CA ILE A 287 11.35 -7.18 -41.52
C ILE A 287 12.43 -6.13 -41.61
N ASN A 288 12.21 -5.10 -42.43
CA ASN A 288 13.19 -4.04 -42.58
C ASN A 288 13.54 -3.42 -41.23
N MET A 289 12.55 -3.24 -40.35
CA MET A 289 12.83 -2.67 -39.05
C MET A 289 13.73 -3.57 -38.23
N ILE A 290 13.46 -4.88 -38.22
CA ILE A 290 14.30 -5.81 -37.47
C ILE A 290 15.73 -5.71 -37.95
N LYS A 291 15.94 -5.82 -39.27
CA LYS A 291 17.28 -5.73 -39.82
C LYS A 291 17.94 -4.41 -39.42
N TYR A 292 17.18 -3.32 -39.47
CA TYR A 292 17.74 -2.02 -39.14
C TYR A 292 18.23 -1.98 -37.70
N ILE A 293 17.51 -2.64 -36.80
CA ILE A 293 17.87 -2.59 -35.38
C ILE A 293 19.05 -3.51 -35.09
N LYS A 294 19.04 -4.71 -35.66
CA LYS A 294 20.15 -5.64 -35.45
C LYS A 294 21.45 -5.10 -36.05
N ASP A 295 21.36 -4.16 -36.98
CA ASP A 295 22.53 -3.52 -37.55
C ASP A 295 23.00 -2.34 -36.69
N LYS A 296 22.06 -1.50 -36.25
CA LYS A 296 22.40 -0.33 -35.46
C LYS A 296 22.72 -0.69 -34.01
N TYR A 297 21.94 -1.58 -33.41
CA TYR A 297 22.10 -1.97 -32.01
C TYR A 297 22.28 -3.48 -31.91
N PRO A 298 23.45 -4.01 -32.28
CA PRO A 298 23.63 -5.47 -32.19
C PRO A 298 23.31 -6.03 -30.81
N ASN A 299 23.80 -5.36 -29.77
CA ASN A 299 23.55 -5.79 -28.39
C ASN A 299 22.06 -5.99 -28.11
N LEU A 300 21.22 -5.12 -28.68
CA LEU A 300 19.83 -5.04 -28.27
C LEU A 300 19.02 -6.25 -28.75
N GLN A 301 18.09 -6.70 -27.89
CA GLN A 301 17.21 -7.82 -28.20
C GLN A 301 15.90 -7.33 -28.79
N VAL A 302 15.40 -8.06 -29.79
CA VAL A 302 14.22 -7.66 -30.54
C VAL A 302 13.24 -8.83 -30.59
N ILE A 303 11.95 -8.52 -30.52
CA ILE A 303 10.88 -9.52 -30.43
C ILE A 303 9.94 -9.33 -31.61
N GLY A 304 9.65 -10.44 -32.30
CA GLY A 304 8.82 -10.37 -33.50
C GLY A 304 7.35 -10.15 -33.19
N GLY A 305 6.69 -9.43 -34.10
CA GLY A 305 5.42 -8.82 -33.78
C GLY A 305 4.18 -9.59 -34.16
N ASN A 306 3.85 -10.61 -33.37
CA ASN A 306 2.56 -11.30 -33.46
C ASN A 306 2.41 -12.11 -34.74
N VAL A 307 2.61 -13.42 -34.60
CA VAL A 307 2.45 -14.41 -35.65
C VAL A 307 1.62 -15.54 -35.09
N VAL A 308 1.05 -16.36 -35.98
CA VAL A 308 0.24 -17.49 -35.54
C VAL A 308 0.49 -18.73 -36.39
N THR A 309 1.50 -18.67 -37.27
CA THR A 309 1.85 -19.80 -38.10
C THR A 309 3.36 -19.86 -38.25
N ALA A 310 3.85 -21.07 -38.58
CA ALA A 310 5.29 -21.23 -38.81
C ALA A 310 5.75 -20.42 -40.01
N ALA A 311 4.92 -20.35 -41.06
CA ALA A 311 5.28 -19.57 -42.24
C ALA A 311 5.61 -18.13 -41.87
N GLN A 312 4.79 -17.51 -41.01
CA GLN A 312 5.11 -16.17 -40.54
C GLN A 312 6.41 -16.16 -39.75
N ALA A 313 6.59 -17.14 -38.87
CA ALA A 313 7.76 -17.16 -38.00
C ALA A 313 9.05 -17.21 -38.82
N LYS A 314 9.05 -17.96 -39.92
CA LYS A 314 10.28 -18.12 -40.70
C LYS A 314 10.81 -16.78 -41.16
N ASN A 315 9.94 -15.92 -41.69
CA ASN A 315 10.39 -14.64 -42.22
C ASN A 315 11.01 -13.77 -41.12
N LEU A 316 10.44 -13.80 -39.91
CA LEU A 316 10.96 -12.96 -38.86
C LEU A 316 12.24 -13.54 -38.26
N ILE A 317 12.31 -14.88 -38.14
CA ILE A 317 13.53 -15.50 -37.66
C ILE A 317 14.66 -15.24 -38.64
N ASP A 318 14.38 -15.37 -39.94
CA ASP A 318 15.39 -15.09 -40.95
C ASP A 318 15.87 -13.64 -40.85
N ALA A 319 15.00 -12.73 -40.44
CA ALA A 319 15.36 -11.32 -40.33
C ALA A 319 16.21 -11.02 -39.11
N GLY A 320 16.35 -11.94 -38.18
CA GLY A 320 17.22 -11.77 -37.04
C GLY A 320 16.53 -11.55 -35.70
N VAL A 321 15.24 -11.85 -35.60
CA VAL A 321 14.50 -11.61 -34.36
C VAL A 321 15.05 -12.50 -33.24
N ASP A 322 14.95 -12.02 -32.00
CA ASP A 322 15.44 -12.72 -30.82
C ASP A 322 14.33 -13.39 -30.01
N ALA A 323 13.08 -13.16 -30.35
CA ALA A 323 11.95 -13.84 -29.72
C ALA A 323 10.72 -13.57 -30.57
N LEU A 324 9.68 -14.38 -30.35
CA LEU A 324 8.44 -14.27 -31.12
C LEU A 324 7.25 -14.10 -30.19
N ARG A 325 6.34 -13.24 -30.59
CA ARG A 325 5.10 -12.97 -29.90
C ARG A 325 3.96 -13.65 -30.65
N VAL A 326 3.20 -14.50 -29.97
CA VAL A 326 2.19 -15.32 -30.62
C VAL A 326 0.82 -14.99 -30.05
N GLY A 327 -0.12 -14.65 -30.93
CA GLY A 327 -1.48 -14.30 -30.55
C GLY A 327 -2.12 -13.34 -31.52
N MET A 328 -3.28 -13.72 -32.07
CA MET A 328 -4.05 -12.85 -32.97
C MET A 328 -5.53 -13.07 -32.72
N GLY A 329 -6.23 -12.00 -32.35
CA GLY A 329 -7.67 -12.06 -32.15
C GLY A 329 -8.09 -12.85 -30.92
N SER A 330 -7.45 -12.59 -29.78
CA SER A 330 -7.82 -13.25 -28.53
C SER A 330 -7.55 -12.26 -27.41
N GLY A 331 -8.60 -11.57 -26.95
CA GLY A 331 -8.47 -10.66 -25.83
C GLY A 331 -9.19 -9.33 -26.01
N SER A 332 -8.50 -8.37 -26.62
CA SER A 332 -9.03 -7.02 -26.82
C SER A 332 -9.50 -6.41 -25.50
N ILE A 335 -11.30 -6.13 -31.40
CA ILE A 335 -12.06 -7.23 -31.98
C ILE A 335 -11.19 -7.99 -32.96
N THR A 336 -10.72 -7.29 -34.00
CA THR A 336 -9.87 -7.85 -35.04
C THR A 336 -10.42 -9.12 -35.66
N GLN A 337 -10.68 -10.15 -34.85
CA GLN A 337 -11.25 -11.38 -35.39
C GLN A 337 -12.61 -11.11 -36.02
N GLU A 338 -13.50 -10.46 -35.27
CA GLU A 338 -14.82 -10.12 -35.79
C GLU A 338 -14.72 -9.06 -36.89
N VAL A 339 -13.70 -8.21 -36.83
CA VAL A 339 -13.56 -7.11 -37.78
C VAL A 339 -12.80 -7.53 -39.03
N LEU A 340 -11.79 -8.41 -38.90
CA LEU A 340 -10.91 -8.74 -40.01
C LEU A 340 -10.97 -10.19 -40.47
N ALA A 341 -11.73 -11.05 -39.79
CA ALA A 341 -11.89 -12.45 -40.17
C ALA A 341 -10.58 -13.24 -40.06
N CYS A 342 -9.55 -12.63 -39.49
CA CYS A 342 -8.21 -13.20 -39.49
C CYS A 342 -7.74 -13.44 -38.06
N GLY A 343 -7.09 -14.59 -37.85
CA GLY A 343 -6.60 -14.93 -36.52
C GLY A 343 -6.39 -16.43 -36.41
N ARG A 344 -6.30 -16.90 -35.17
CA ARG A 344 -6.14 -18.32 -34.91
C ARG A 344 -6.42 -18.63 -33.44
N PRO A 345 -7.08 -19.75 -33.11
CA PRO A 345 -7.24 -20.12 -31.70
C PRO A 345 -5.88 -20.22 -31.02
N GLN A 346 -5.83 -19.74 -29.78
CA GLN A 346 -4.53 -19.45 -29.16
C GLN A 346 -3.72 -20.71 -28.93
N ALA A 347 -4.35 -21.77 -28.40
CA ALA A 347 -3.61 -22.97 -28.03
C ALA A 347 -2.89 -23.55 -29.24
N THR A 348 -3.58 -23.67 -30.37
CA THR A 348 -2.93 -24.19 -31.57
C THR A 348 -1.80 -23.28 -32.01
N ALA A 349 -2.00 -21.96 -31.93
CA ALA A 349 -0.98 -21.03 -32.39
C ALA A 349 0.30 -21.19 -31.59
N VAL A 350 0.18 -21.30 -30.27
CA VAL A 350 1.36 -21.46 -29.42
C VAL A 350 2.11 -22.73 -29.79
N TYR A 351 1.40 -23.87 -29.85
CA TYR A 351 2.08 -25.11 -30.14
C TYR A 351 2.72 -25.08 -31.52
N LYS A 352 1.99 -24.56 -32.52
CA LYS A 352 2.48 -24.60 -33.89
C LYS A 352 3.73 -23.75 -34.08
N VAL A 353 3.74 -22.53 -33.51
CA VAL A 353 4.90 -21.65 -33.69
C VAL A 353 6.05 -22.08 -32.80
N SER A 354 5.78 -22.49 -31.57
CA SER A 354 6.85 -22.93 -30.68
C SER A 354 7.53 -24.16 -31.23
N GLU A 355 6.76 -25.11 -31.75
CA GLU A 355 7.31 -26.33 -32.32
C GLU A 355 8.36 -26.00 -33.37
N TYR A 356 8.11 -24.97 -34.18
CA TYR A 356 9.03 -24.57 -35.25
C TYR A 356 10.17 -23.69 -34.73
N ALA A 357 9.84 -22.70 -33.91
CA ALA A 357 10.83 -21.68 -33.53
C ALA A 357 11.96 -22.27 -32.70
N ARG A 358 11.65 -23.23 -31.82
CA ARG A 358 12.67 -23.78 -30.94
C ARG A 358 13.83 -24.36 -31.73
N ARG A 359 13.59 -24.81 -32.96
CA ARG A 359 14.69 -25.32 -33.77
C ARG A 359 15.71 -24.25 -34.10
N PHE A 360 15.27 -22.99 -34.16
CA PHE A 360 16.17 -21.87 -34.36
C PHE A 360 16.46 -21.15 -33.05
N GLY A 361 16.08 -21.74 -31.91
CA GLY A 361 16.37 -21.17 -30.62
C GLY A 361 15.70 -19.84 -30.38
N VAL A 362 14.48 -19.67 -30.87
CA VAL A 362 13.73 -18.43 -30.72
C VAL A 362 12.60 -18.68 -29.72
N PRO A 363 12.67 -18.11 -28.51
CA PRO A 363 11.57 -18.31 -27.55
C PRO A 363 10.28 -17.68 -28.06
N VAL A 364 9.17 -18.23 -27.60
CA VAL A 364 7.83 -17.77 -27.97
C VAL A 364 7.19 -17.15 -26.74
N ILE A 365 6.58 -15.99 -26.92
CA ILE A 365 5.81 -15.33 -25.86
C ILE A 365 4.34 -15.52 -26.20
N ALA A 366 3.65 -16.34 -25.40
CA ALA A 366 2.23 -16.57 -25.59
C ALA A 366 1.46 -15.32 -25.22
N ASP A 367 0.75 -14.75 -26.19
CA ASP A 367 0.17 -13.42 -26.06
C ASP A 367 -1.35 -13.50 -26.21
N GLY A 368 -2.07 -13.17 -25.16
CA GLY A 368 -3.51 -13.03 -25.26
C GLY A 368 -4.26 -14.30 -24.92
N GLY A 369 -5.48 -14.13 -24.44
CA GLY A 369 -6.35 -15.24 -24.10
C GLY A 369 -6.17 -15.79 -22.71
N ILE A 370 -5.36 -15.15 -21.87
CA ILE A 370 -5.00 -15.67 -20.56
C ILE A 370 -5.91 -15.03 -19.53
N GLN A 371 -6.83 -15.83 -18.99
CA GLN A 371 -7.80 -15.38 -18.00
C GLN A 371 -7.57 -15.95 -16.61
N ASN A 372 -6.79 -17.03 -16.48
CA ASN A 372 -6.56 -17.68 -15.19
C ASN A 372 -5.19 -18.35 -15.21
N VAL A 373 -4.86 -19.00 -14.09
CA VAL A 373 -3.53 -19.60 -13.94
C VAL A 373 -3.41 -20.84 -14.84
N GLY A 374 -4.49 -21.60 -14.97
CA GLY A 374 -4.44 -22.79 -15.81
C GLY A 374 -4.06 -22.46 -17.23
N HIS A 375 -4.56 -21.34 -17.76
CA HIS A 375 -4.15 -20.92 -19.09
C HIS A 375 -2.65 -20.66 -19.15
N ILE A 376 -2.09 -20.08 -18.08
CA ILE A 376 -0.64 -19.88 -18.04
C ILE A 376 0.08 -21.22 -18.15
N ALA A 377 -0.27 -22.17 -17.29
CA ALA A 377 0.38 -23.47 -17.31
C ALA A 377 0.26 -24.12 -18.68
N LYS A 378 -0.94 -24.05 -19.28
CA LYS A 378 -1.15 -24.70 -20.57
C LYS A 378 -0.27 -24.09 -21.65
N ALA A 379 -0.24 -22.76 -21.73
CA ALA A 379 0.60 -22.10 -22.73
C ALA A 379 2.06 -22.55 -22.59
N LEU A 380 2.57 -22.58 -21.37
CA LEU A 380 3.92 -23.06 -21.14
C LEU A 380 4.06 -24.52 -21.55
N ALA A 381 3.07 -25.35 -21.19
CA ALA A 381 3.15 -26.77 -21.51
C ALA A 381 3.17 -27.00 -23.01
N LEU A 382 2.57 -26.10 -23.79
CA LEU A 382 2.46 -26.26 -25.23
C LEU A 382 3.66 -25.73 -25.99
N GLY A 383 4.65 -25.17 -25.30
CA GLY A 383 5.89 -24.75 -25.93
C GLY A 383 6.27 -23.31 -25.69
N ALA A 384 5.38 -22.49 -25.13
CA ALA A 384 5.73 -21.10 -24.86
C ALA A 384 6.76 -21.02 -23.76
N SER A 385 7.75 -20.15 -23.94
CA SER A 385 8.77 -19.91 -22.92
C SER A 385 8.26 -18.97 -21.84
N THR A 386 7.45 -17.98 -22.24
CA THR A 386 6.84 -17.04 -21.31
C THR A 386 5.44 -16.74 -21.79
N VAL A 387 4.64 -16.15 -20.90
CA VAL A 387 3.29 -15.74 -21.23
C VAL A 387 3.13 -14.27 -20.91
N MET A 388 2.44 -13.56 -21.80
CA MET A 388 2.22 -12.13 -21.66
C MET A 388 0.78 -11.90 -21.22
N MET A 389 0.61 -11.19 -20.11
CA MET A 389 -0.71 -10.88 -19.57
C MET A 389 -0.98 -9.39 -19.68
N GLY A 390 -2.22 -9.06 -20.03
CA GLY A 390 -2.66 -7.67 -20.04
C GLY A 390 -3.92 -7.50 -19.20
N SER A 391 -5.01 -8.12 -19.66
CA SER A 391 -6.28 -8.05 -18.93
C SER A 391 -6.11 -8.50 -17.48
N LEU A 392 -5.42 -9.63 -17.29
CA LEU A 392 -5.30 -10.21 -15.96
C LEU A 392 -4.60 -9.25 -15.00
N LEU A 393 -3.57 -8.55 -15.48
CA LEU A 393 -2.79 -7.67 -14.61
C LEU A 393 -3.41 -6.29 -14.45
N ALA A 394 -4.23 -5.85 -15.40
CA ALA A 394 -4.95 -4.60 -15.20
C ALA A 394 -5.75 -4.67 -13.91
N ALA A 395 -6.04 -3.50 -13.35
CA ALA A 395 -6.71 -3.37 -12.07
C ALA A 395 -5.83 -3.80 -10.90
N THR A 396 -4.52 -3.95 -11.12
CA THR A 396 -3.57 -4.03 -10.02
C THR A 396 -3.08 -2.62 -9.71
N THR A 397 -2.80 -2.38 -8.43
CA THR A 397 -2.51 -1.01 -8.00
C THR A 397 -1.34 -0.41 -8.78
N GLU A 398 -0.37 -1.23 -9.21
CA GLU A 398 0.73 -0.69 -10.00
C GLU A 398 0.31 -0.31 -11.42
N ALA A 399 -0.85 -0.78 -11.87
CA ALA A 399 -1.29 -0.45 -13.20
C ALA A 399 -1.58 1.05 -13.30
N PRO A 400 -1.43 1.64 -14.48
CA PRO A 400 -1.66 3.09 -14.61
C PRO A 400 -3.13 3.44 -14.39
N GLY A 401 -3.35 4.44 -13.55
CA GLY A 401 -4.67 4.94 -13.25
C GLY A 401 -4.64 5.74 -11.97
N GLU A 402 -5.52 6.72 -11.85
CA GLU A 402 -5.59 7.59 -10.67
C GLU A 402 -6.93 7.36 -9.98
N TYR A 403 -6.87 7.06 -8.68
CA TYR A 403 -8.08 6.79 -7.91
C TYR A 403 -8.87 8.07 -7.64
N PHE A 404 -10.19 7.93 -7.69
CA PHE A 404 -11.12 9.04 -7.46
C PHE A 404 -12.03 8.69 -6.30
N PHE A 405 -12.05 9.54 -5.27
CA PHE A 405 -13.08 9.48 -4.23
C PHE A 405 -14.22 10.39 -4.67
N SER A 406 -15.07 9.86 -5.54
CA SER A 406 -16.25 10.63 -6.00
C SER A 406 -17.44 10.47 -5.07
N ASP A 407 -18.06 9.30 -5.08
CA ASP A 407 -19.23 9.02 -4.23
C ASP A 407 -19.03 7.77 -3.38
N GLY A 416 -7.59 3.52 -22.82
CA GLY A 416 -7.37 3.38 -24.24
C GLY A 416 -7.60 1.97 -24.74
N MET A 417 -6.78 1.03 -24.25
CA MET A 417 -6.90 -0.38 -24.60
C MET A 417 -6.77 -0.61 -26.12
N GLY A 418 -5.89 0.16 -26.74
CA GLY A 418 -5.57 -0.05 -28.15
C GLY A 418 -6.76 0.04 -29.08
N SER A 419 -7.65 1.00 -28.84
CA SER A 419 -8.84 1.17 -29.68
C SER A 419 -8.96 2.61 -30.18
N LEU A 420 -10.09 2.94 -30.82
CA LEU A 420 -10.29 4.29 -31.31
C LEU A 420 -10.20 5.32 -30.19
N ASP A 421 -10.74 4.98 -29.01
CA ASP A 421 -10.70 5.91 -27.88
C ASP A 421 -9.27 6.29 -27.54
N ALA A 422 -8.37 5.31 -27.50
CA ALA A 422 -6.96 5.57 -27.22
C ALA A 422 -6.40 6.63 -28.17
N GLN A 451 -12.23 -5.74 -11.29
CA GLN A 451 -12.48 -5.26 -9.93
C GLN A 451 -11.24 -4.55 -9.37
N ASP A 452 -10.44 -5.28 -8.59
CA ASP A 452 -9.19 -4.75 -8.05
C ASP A 452 -8.37 -5.87 -7.44
N LYS A 453 -7.50 -6.47 -8.25
CA LYS A 453 -6.75 -7.65 -7.79
C LYS A 453 -5.85 -7.32 -6.60
N GLY A 454 -5.44 -6.06 -6.46
CA GLY A 454 -4.51 -5.67 -5.43
C GLY A 454 -3.13 -5.35 -5.97
N SER A 455 -2.15 -5.44 -5.09
CA SER A 455 -0.77 -5.19 -5.46
C SER A 455 -0.17 -6.39 -6.18
N ILE A 456 0.75 -6.09 -7.10
CA ILE A 456 1.39 -7.16 -7.87
C ILE A 456 2.46 -7.88 -7.07
N HIS A 457 2.89 -7.31 -5.95
CA HIS A 457 3.81 -8.02 -5.07
C HIS A 457 3.10 -9.14 -4.32
N LYS A 458 1.77 -9.12 -4.27
CA LYS A 458 1.00 -10.25 -3.76
C LYS A 458 0.40 -11.10 -4.88
N PHE A 459 0.19 -10.55 -6.07
CA PHE A 459 -0.54 -11.27 -7.11
C PHE A 459 0.37 -12.21 -7.90
N VAL A 460 1.58 -11.78 -8.25
CA VAL A 460 2.49 -12.67 -8.99
C VAL A 460 2.88 -13.89 -8.17
N PRO A 461 3.28 -13.76 -6.91
CA PRO A 461 3.57 -14.98 -6.11
C PRO A 461 2.41 -15.97 -6.08
N TYR A 462 1.18 -15.49 -6.24
CA TYR A 462 0.05 -16.40 -6.37
C TYR A 462 0.12 -17.18 -7.68
N LEU A 463 0.41 -16.50 -8.78
CA LEU A 463 0.55 -17.19 -10.05
C LEU A 463 1.72 -18.17 -10.02
N ILE A 464 2.85 -17.76 -9.42
CA ILE A 464 4.02 -18.63 -9.34
C ILE A 464 3.65 -19.94 -8.64
N ALA A 465 2.99 -19.84 -7.49
CA ALA A 465 2.65 -21.05 -6.75
C ALA A 465 1.60 -21.85 -7.49
N GLY A 466 0.76 -21.19 -8.28
CA GLY A 466 -0.22 -21.92 -9.08
C GLY A 466 0.42 -22.71 -10.21
N ILE A 467 1.43 -22.13 -10.86
CA ILE A 467 2.14 -22.84 -11.91
C ILE A 467 2.91 -24.01 -11.32
N GLN A 468 3.58 -23.79 -10.19
CA GLN A 468 4.35 -24.85 -9.56
C GLN A 468 3.47 -26.04 -9.24
N HIS A 469 2.27 -25.79 -8.70
CA HIS A 469 1.35 -26.88 -8.38
CA HIS A 469 1.36 -26.87 -8.38
C HIS A 469 0.97 -27.65 -9.64
N SER A 470 0.78 -26.94 -10.76
CA SER A 470 0.47 -27.63 -12.01
C SER A 470 1.64 -28.50 -12.47
N CYS A 471 2.85 -27.96 -12.40
CA CYS A 471 4.02 -28.76 -12.73
C CYS A 471 4.09 -30.00 -11.84
N GLN A 472 3.85 -29.81 -10.54
CA GLN A 472 3.85 -30.95 -9.62
C GLN A 472 2.85 -32.00 -10.05
N ASP A 473 1.63 -31.59 -10.39
CA ASP A 473 0.60 -32.54 -10.79
C ASP A 473 1.01 -33.31 -12.04
N ILE A 474 1.70 -32.65 -12.97
CA ILE A 474 2.21 -33.32 -14.15
C ILE A 474 3.31 -34.30 -13.80
N GLY A 475 4.09 -34.00 -12.77
CA GLY A 475 5.27 -34.76 -12.43
C GLY A 475 6.57 -34.16 -12.93
N ALA A 476 6.61 -32.84 -13.13
CA ALA A 476 7.77 -32.16 -13.70
C ALA A 476 8.32 -31.17 -12.67
N LYS A 477 9.63 -31.22 -12.42
CA LYS A 477 10.26 -30.30 -11.49
C LYS A 477 10.59 -28.95 -12.10
N SER A 478 10.51 -28.80 -13.42
CA SER A 478 10.80 -27.52 -14.05
C SER A 478 9.98 -27.36 -15.31
N LEU A 479 9.83 -26.11 -15.75
CA LEU A 479 9.15 -25.85 -17.01
C LEU A 479 9.94 -26.43 -18.18
N THR A 480 11.26 -26.38 -18.12
CA THR A 480 12.07 -27.01 -19.16
C THR A 480 11.68 -28.47 -19.31
N GLN A 481 11.45 -29.15 -18.18
CA GLN A 481 11.08 -30.57 -18.23
C GLN A 481 9.72 -30.75 -18.89
N VAL A 482 8.76 -29.88 -18.57
CA VAL A 482 7.41 -30.00 -19.14
C VAL A 482 7.49 -29.99 -20.65
N ARG A 483 8.16 -28.98 -21.23
CA ARG A 483 8.30 -28.92 -22.67
C ARG A 483 8.94 -30.18 -23.23
N ALA A 484 10.00 -30.68 -22.60
CA ALA A 484 10.60 -31.93 -23.05
C ALA A 484 9.60 -33.07 -22.96
N MET A 485 8.79 -33.10 -21.90
CA MET A 485 7.82 -34.17 -21.73
C MET A 485 6.80 -34.15 -22.85
N MET A 486 6.30 -32.96 -23.22
CA MET A 486 5.25 -32.91 -24.24
C MET A 486 5.82 -33.23 -25.63
N TYR A 487 7.00 -32.73 -25.94
CA TYR A 487 7.59 -33.01 -27.24
C TYR A 487 7.92 -34.50 -27.38
N SER A 488 8.38 -35.12 -26.30
CA SER A 488 8.70 -36.55 -26.33
C SER A 488 7.45 -37.42 -26.26
N GLY A 489 6.30 -36.85 -25.94
CA GLY A 489 5.06 -37.61 -25.86
C GLY A 489 4.74 -38.18 -24.50
N GLU A 490 5.65 -38.07 -23.52
CA GLU A 490 5.34 -38.57 -22.19
C GLU A 490 4.13 -37.85 -21.61
N LEU A 491 4.03 -36.55 -21.88
CA LEU A 491 2.94 -35.73 -21.36
C LEU A 491 1.70 -35.93 -22.23
N LYS A 492 0.61 -36.35 -21.61
CA LYS A 492 -0.60 -36.75 -22.33
C LYS A 492 -1.73 -35.75 -22.10
N PHE A 493 -2.56 -35.59 -23.13
CA PHE A 493 -3.64 -34.62 -23.14
C PHE A 493 -4.97 -35.32 -23.36
N GLU A 494 -6.05 -34.64 -22.96
CA GLU A 494 -7.40 -35.14 -23.16
C GLU A 494 -8.25 -33.98 -23.63
N LYS A 495 -9.12 -34.24 -24.58
CA LYS A 495 -9.90 -33.22 -25.25
C LYS A 495 -11.26 -33.10 -24.58
N ARG A 496 -11.69 -31.87 -24.32
CA ARG A 496 -12.94 -31.61 -23.64
C ARG A 496 -14.09 -31.40 -24.62
N THR A 497 -15.29 -31.38 -24.08
CA THR A 497 -16.50 -31.03 -24.80
C THR A 497 -17.17 -29.85 -24.08
N SER A 498 -18.22 -29.31 -24.70
CA SER A 498 -18.94 -28.22 -24.06
C SER A 498 -19.39 -28.60 -22.66
N SER A 499 -19.89 -29.82 -22.49
CA SER A 499 -20.35 -30.27 -21.18
C SER A 499 -19.20 -30.41 -20.19
N ALA A 500 -18.04 -30.89 -20.64
CA ALA A 500 -16.91 -31.05 -19.73
C ALA A 500 -16.39 -29.70 -19.24
N GLN A 501 -16.48 -28.67 -20.07
CA GLN A 501 -16.07 -27.33 -19.66
C GLN A 501 -16.95 -26.82 -18.51
N VAL A 502 -18.26 -27.02 -18.63
CA VAL A 502 -19.21 -26.60 -17.61
C VAL A 502 -18.93 -27.32 -16.29
N GLU A 503 -18.58 -28.60 -16.34
CA GLU A 503 -18.41 -29.39 -15.12
C GLU A 503 -17.23 -28.91 -14.29
N GLY A 504 -16.17 -28.41 -14.92
CA GLY A 504 -15.06 -27.86 -14.18
C GLY A 504 -15.44 -26.55 -13.53
N GLY A 505 -15.80 -26.60 -12.25
CA GLY A 505 -16.28 -25.41 -11.54
C GLY A 505 -17.79 -25.30 -11.59
N SER B 14 -38.61 41.43 6.33
CA SER B 14 -37.63 42.53 6.07
C SER B 14 -37.47 42.73 4.56
N TYR B 15 -36.54 43.59 4.12
CA TYR B 15 -36.22 43.81 2.69
C TYR B 15 -36.13 42.46 1.98
N VAL B 16 -35.25 41.57 2.45
CA VAL B 16 -35.16 40.22 1.97
C VAL B 16 -36.22 39.52 2.78
N PRO B 17 -37.18 38.86 2.13
CA PRO B 17 -38.24 38.25 2.93
C PRO B 17 -37.82 37.23 4.00
N ASP B 18 -36.83 36.38 3.71
CA ASP B 18 -36.21 35.31 4.52
C ASP B 18 -36.96 34.01 4.19
N ASP B 19 -36.24 32.90 4.20
CA ASP B 19 -36.80 31.62 3.82
C ASP B 19 -36.30 30.56 4.76
N GLY B 20 -36.96 29.43 4.74
CA GLY B 20 -36.53 28.31 5.51
C GLY B 20 -37.03 28.26 6.92
N LEU B 21 -36.75 27.11 7.52
CA LEU B 21 -37.16 26.81 8.87
C LEU B 21 -35.93 26.66 9.75
N THR B 22 -36.04 27.05 11.02
CA THR B 22 -34.98 26.75 11.96
C THR B 22 -35.05 25.27 12.32
N ALA B 23 -33.96 24.76 12.89
CA ALA B 23 -33.95 23.36 13.31
C ALA B 23 -35.11 23.05 14.24
N GLN B 24 -35.42 23.98 15.15
CA GLN B 24 -36.49 23.73 16.11
C GLN B 24 -37.82 23.54 15.39
N GLN B 25 -38.09 24.36 14.37
CA GLN B 25 -39.34 24.24 13.64
C GLN B 25 -39.44 22.90 12.92
N LEU B 26 -38.31 22.41 12.41
CA LEU B 26 -38.31 21.20 11.59
C LEU B 26 -38.45 19.95 12.45
N PHE B 27 -37.73 19.87 13.57
CA PHE B 27 -37.61 18.64 14.35
C PHE B 27 -38.48 18.64 15.59
N ASN B 28 -38.47 19.72 16.38
CA ASN B 28 -39.23 19.74 17.63
C ASN B 28 -40.68 19.34 17.43
N CYS B 29 -41.17 19.31 16.19
CA CYS B 29 -42.53 18.89 15.89
C CYS B 29 -42.54 18.15 14.56
N GLY B 30 -43.55 17.31 14.38
CA GLY B 30 -43.76 16.61 13.13
C GLY B 30 -43.29 15.17 13.17
N ASP B 31 -43.19 14.60 11.97
CA ASP B 31 -42.77 13.22 11.82
C ASP B 31 -41.28 13.10 12.12
N GLY B 32 -40.82 11.85 12.24
CA GLY B 32 -39.41 11.60 12.46
C GLY B 32 -38.66 11.65 11.15
N LEU B 33 -37.60 12.44 11.12
CA LEU B 33 -36.86 12.70 9.89
C LEU B 33 -35.52 11.96 9.93
N THR B 34 -35.09 11.53 8.74
CA THR B 34 -33.76 10.98 8.56
C THR B 34 -32.93 12.01 7.80
N TYR B 35 -31.66 11.68 7.57
CA TYR B 35 -30.76 12.66 6.95
C TYR B 35 -31.19 13.04 5.55
N ASN B 36 -31.79 12.11 4.81
CA ASN B 36 -32.17 12.37 3.42
C ASN B 36 -33.48 13.15 3.30
N ASP B 37 -34.17 13.45 4.40
CA ASP B 37 -35.47 14.09 4.33
C ASP B 37 -35.39 15.61 4.28
N PHE B 38 -34.21 16.20 4.39
CA PHE B 38 -34.10 17.65 4.43
C PHE B 38 -32.79 18.09 3.79
N LEU B 39 -32.69 19.40 3.58
CA LEU B 39 -31.48 20.03 3.06
C LEU B 39 -31.18 21.26 3.89
N ILE B 40 -29.91 21.70 3.82
CA ILE B 40 -29.47 22.92 4.49
C ILE B 40 -29.28 24.00 3.43
N LEU B 41 -29.84 25.19 3.69
CA LEU B 41 -29.73 26.27 2.71
C LEU B 41 -28.37 26.96 2.82
N PRO B 42 -27.82 27.42 1.70
CA PRO B 42 -26.49 28.04 1.72
C PRO B 42 -26.50 29.44 2.30
N GLY B 43 -25.29 29.90 2.64
CA GLY B 43 -25.10 31.21 3.24
C GLY B 43 -24.10 32.07 2.47
N TYR B 44 -23.20 32.73 3.20
CA TYR B 44 -22.26 33.68 2.62
C TYR B 44 -20.84 33.22 2.88
N ILE B 45 -20.00 33.28 1.85
CA ILE B 45 -18.64 32.76 1.87
C ILE B 45 -17.66 33.92 1.81
N ASP B 46 -16.80 34.04 2.82
CA ASP B 46 -15.72 35.02 2.79
C ASP B 46 -14.41 34.40 3.26
N PHE B 47 -14.21 33.12 2.95
CA PHE B 47 -13.01 32.39 3.39
C PHE B 47 -12.89 31.14 2.53
N THR B 48 -11.70 30.56 2.54
CA THR B 48 -11.48 29.32 1.82
C THR B 48 -11.77 28.13 2.73
N ALA B 49 -12.13 27.00 2.12
CA ALA B 49 -12.47 25.81 2.89
C ALA B 49 -11.29 25.29 3.70
N ASP B 50 -10.06 25.61 3.29
CA ASP B 50 -8.89 25.20 4.05
C ASP B 50 -8.96 25.71 5.48
N GLN B 51 -9.47 26.92 5.67
CA GLN B 51 -9.49 27.59 6.96
C GLN B 51 -10.54 27.04 7.92
N VAL B 52 -11.35 26.08 7.50
CA VAL B 52 -12.42 25.57 8.36
C VAL B 52 -11.82 24.65 9.41
N ASP B 53 -12.16 24.91 10.67
CA ASP B 53 -11.70 24.10 11.79
C ASP B 53 -12.74 23.03 12.11
N LEU B 54 -12.29 21.77 12.18
CA LEU B 54 -13.18 20.65 12.46
C LEU B 54 -12.96 20.07 13.85
N THR B 55 -12.20 20.74 14.71
CA THR B 55 -11.97 20.23 16.06
C THR B 55 -13.30 19.94 16.73
N SER B 56 -13.38 18.77 17.37
CA SER B 56 -14.62 18.33 17.99
C SER B 56 -14.30 17.57 19.27
N ALA B 57 -15.28 17.54 20.17
CA ALA B 57 -15.13 16.90 21.47
C ALA B 57 -15.72 15.50 21.41
N LEU B 58 -14.88 14.49 21.61
CA LEU B 58 -15.37 13.12 21.74
C LEU B 58 -16.12 12.96 23.06
N THR B 59 -15.47 13.33 24.15
CA THR B 59 -16.11 13.34 25.48
C THR B 59 -15.77 14.65 26.17
N LYS B 60 -16.11 14.75 27.45
CA LYS B 60 -15.88 16.00 28.18
C LYS B 60 -14.40 16.36 28.21
N LYS B 61 -13.55 15.38 28.48
CA LYS B 61 -12.12 15.64 28.67
C LYS B 61 -11.28 15.30 27.45
N ILE B 62 -11.86 14.70 26.42
CA ILE B 62 -11.13 14.26 25.23
C ILE B 62 -11.59 15.10 24.05
N THR B 63 -10.64 15.63 23.29
CA THR B 63 -10.94 16.44 22.12
C THR B 63 -10.15 15.91 20.94
N LEU B 64 -10.79 15.90 19.77
CA LEU B 64 -10.19 15.39 18.55
C LEU B 64 -10.13 16.50 17.52
N LYS B 65 -9.10 16.44 16.67
CA LYS B 65 -8.96 17.42 15.59
C LYS B 65 -9.93 17.15 14.45
N THR B 66 -10.48 15.93 14.37
CA THR B 66 -11.49 15.59 13.39
C THR B 66 -12.60 14.82 14.09
N PRO B 67 -13.84 14.95 13.64
CA PRO B 67 -14.96 14.34 14.38
C PRO B 67 -15.30 12.92 13.95
N LEU B 68 -14.35 12.18 13.40
CA LEU B 68 -14.62 10.85 12.85
C LEU B 68 -14.22 9.76 13.83
N VAL B 69 -15.07 8.74 13.93
CA VAL B 69 -14.90 7.65 14.88
C VAL B 69 -15.27 6.34 14.19
N SER B 70 -14.43 5.32 14.34
CA SER B 70 -14.71 4.01 13.76
C SER B 70 -15.50 3.18 14.75
N SER B 71 -16.48 2.45 14.24
CA SER B 71 -17.43 1.74 15.08
C SER B 71 -16.79 0.51 15.71
N PRO B 72 -17.23 0.12 16.92
CA PRO B 72 -16.70 -1.10 17.55
C PRO B 72 -17.39 -2.36 17.03
N MET B 73 -17.10 -2.69 15.77
CA MET B 73 -17.63 -3.86 15.10
C MET B 73 -16.47 -4.78 14.73
N ASP B 74 -16.69 -6.09 14.85
CA ASP B 74 -15.63 -7.05 14.51
C ASP B 74 -15.18 -6.92 13.06
N THR B 75 -16.01 -6.34 12.19
CA THR B 75 -15.69 -6.20 10.78
C THR B 75 -15.23 -4.79 10.41
N VAL B 76 -14.86 -3.98 11.39
CA VAL B 76 -14.50 -2.59 11.12
C VAL B 76 -13.24 -2.19 11.86
N THR B 77 -13.26 -2.24 13.19
CA THR B 77 -12.22 -1.62 14.00
C THR B 77 -11.48 -2.65 14.83
N GLU B 78 -10.20 -2.86 14.51
CA GLU B 78 -9.26 -3.56 15.38
C GLU B 78 -8.06 -2.65 15.62
N ALA B 79 -6.95 -3.20 16.13
CA ALA B 79 -5.79 -2.36 16.40
C ALA B 79 -5.34 -1.63 15.14
N GLY B 80 -5.37 -2.31 13.99
CA GLY B 80 -4.96 -1.66 12.76
C GLY B 80 -5.83 -0.48 12.39
N MET B 81 -7.15 -0.63 12.56
CA MET B 81 -8.06 0.48 12.29
C MET B 81 -7.88 1.60 13.31
N ALA B 82 -7.83 1.24 14.59
CA ALA B 82 -7.72 2.26 15.63
C ALA B 82 -6.48 3.11 15.44
N ILE B 83 -5.37 2.51 14.98
CA ILE B 83 -4.14 3.25 14.75
C ILE B 83 -4.35 4.28 13.63
N ALA B 84 -4.91 3.84 12.50
CA ALA B 84 -5.07 4.73 11.37
C ALA B 84 -6.00 5.89 11.69
N MET B 85 -7.09 5.62 12.42
CA MET B 85 -8.01 6.68 12.81
C MET B 85 -7.33 7.72 13.69
N ALA B 86 -6.48 7.27 14.61
CA ALA B 86 -5.81 8.21 15.51
C ALA B 86 -4.87 9.11 14.74
N LEU B 87 -4.18 8.57 13.74
CA LEU B 87 -3.21 9.37 13.00
C LEU B 87 -3.90 10.41 12.13
N THR B 88 -5.07 10.08 11.59
CA THR B 88 -5.76 11.02 10.71
C THR B 88 -6.61 12.03 11.47
N GLY B 89 -6.66 11.96 12.80
CA GLY B 89 -7.32 12.97 13.61
C GLY B 89 -8.47 12.48 14.46
N GLY B 90 -8.95 11.24 14.28
CA GLY B 90 -10.11 10.77 15.02
C GLY B 90 -9.73 9.76 16.07
N ILE B 91 -10.51 8.70 16.21
CA ILE B 91 -10.23 7.65 17.19
C ILE B 91 -10.95 6.39 16.74
N GLY B 92 -10.47 5.24 17.20
CA GLY B 92 -11.11 3.98 16.92
C GLY B 92 -11.51 3.27 18.20
N PHE B 93 -12.63 2.57 18.17
CA PHE B 93 -13.13 1.80 19.30
C PHE B 93 -13.02 0.31 18.96
N ILE B 94 -12.19 -0.40 19.72
CA ILE B 94 -11.96 -1.82 19.47
C ILE B 94 -13.18 -2.60 19.89
N HIS B 95 -13.61 -3.52 19.03
CA HIS B 95 -14.79 -4.33 19.33
C HIS B 95 -14.49 -5.29 20.47
N HIS B 96 -15.56 -5.89 21.02
CA HIS B 96 -15.43 -6.82 22.13
C HIS B 96 -15.98 -8.20 21.78
N ASN B 97 -16.06 -8.53 20.49
CA ASN B 97 -16.42 -9.89 20.07
C ASN B 97 -15.15 -10.76 20.02
N CYS B 98 -14.55 -10.92 21.19
CA CYS B 98 -13.26 -11.59 21.30
C CYS B 98 -12.95 -11.77 22.77
N THR B 99 -11.86 -12.49 23.05
CA THR B 99 -11.46 -12.71 24.43
C THR B 99 -11.04 -11.38 25.07
N PRO B 100 -11.23 -11.23 26.37
CA PRO B 100 -10.70 -10.02 27.04
C PRO B 100 -9.22 -9.83 26.79
N GLU B 101 -8.44 -10.92 26.85
CA GLU B 101 -6.99 -10.81 26.67
C GLU B 101 -6.66 -10.35 25.26
N PHE B 102 -7.38 -10.86 24.26
CA PHE B 102 -7.15 -10.42 22.89
C PHE B 102 -7.45 -8.94 22.73
N GLN B 103 -8.60 -8.51 23.25
CA GLN B 103 -8.99 -7.11 23.10
C GLN B 103 -7.96 -6.20 23.75
N ALA B 104 -7.53 -6.53 24.96
CA ALA B 104 -6.53 -5.71 25.65
C ALA B 104 -5.24 -5.65 24.84
N ASN B 105 -4.87 -6.77 24.21
CA ASN B 105 -3.67 -6.77 23.39
C ASN B 105 -3.82 -5.83 22.20
N GLU B 106 -5.01 -5.80 21.59
CA GLU B 106 -5.26 -4.86 20.50
C GLU B 106 -5.09 -3.42 20.99
N VAL B 107 -5.55 -3.13 22.20
CA VAL B 107 -5.31 -1.81 22.78
C VAL B 107 -3.82 -1.58 22.93
N ARG B 108 -3.10 -2.59 23.41
CA ARG B 108 -1.65 -2.45 23.62
C ARG B 108 -0.96 -2.01 22.34
N LYS B 109 -1.31 -2.62 21.20
CA LYS B 109 -0.67 -2.24 19.95
C LYS B 109 -0.91 -0.78 19.63
N VAL B 110 -2.13 -0.30 19.83
CA VAL B 110 -2.46 1.08 19.54
C VAL B 110 -1.64 2.02 20.40
N LYS B 111 -1.52 1.72 21.68
CA LYS B 111 -0.82 2.63 22.59
C LYS B 111 0.67 2.63 22.35
N LYS B 112 1.24 1.51 21.90
CA LYS B 112 2.68 1.38 21.72
C LYS B 112 3.14 1.75 20.32
N TYR B 113 2.23 2.03 19.38
CA TYR B 113 2.66 2.38 18.03
C TYR B 113 3.55 3.60 18.06
N GLU B 114 3.02 4.73 18.54
CA GLU B 114 3.79 5.94 18.73
C GLU B 114 4.03 6.16 20.22
N GLN B 115 5.15 6.81 20.54
CA GLN B 115 5.54 6.94 21.94
C GLN B 115 6.46 8.13 22.10
N GLY B 116 6.49 8.66 23.33
CA GLY B 116 7.44 9.69 23.69
C GLY B 116 8.61 9.10 24.43
N PHE B 117 8.68 9.31 25.74
CA PHE B 117 9.60 8.55 26.57
C PHE B 117 9.13 7.10 26.62
N ILE B 118 9.93 6.19 26.08
CA ILE B 118 9.57 4.78 26.02
C ILE B 118 9.93 4.13 27.35
N THR B 119 8.93 3.91 28.20
CA THR B 119 9.13 3.22 29.46
C THR B 119 8.93 1.73 29.23
N ASP B 120 9.72 0.92 29.92
CA ASP B 120 9.68 -0.52 29.78
C ASP B 120 9.85 -0.94 28.31
N PRO B 121 10.93 -0.52 27.66
CA PRO B 121 11.18 -0.94 26.28
C PRO B 121 11.74 -2.36 26.24
N VAL B 122 11.85 -2.89 25.03
CA VAL B 122 12.54 -4.17 24.86
C VAL B 122 14.02 -3.94 25.14
N VAL B 123 14.54 -4.66 26.13
CA VAL B 123 15.94 -4.56 26.53
C VAL B 123 16.54 -5.95 26.45
N LEU B 124 17.82 -6.02 26.12
CA LEU B 124 18.51 -7.29 25.99
C LEU B 124 19.72 -7.31 26.91
N SER B 125 20.09 -8.52 27.31
CA SER B 125 21.27 -8.71 28.15
C SER B 125 22.52 -8.82 27.29
N PRO B 126 23.68 -8.42 27.82
CA PRO B 126 24.90 -8.52 27.02
C PRO B 126 25.26 -9.95 26.64
N LYS B 127 24.94 -10.93 27.50
CA LYS B 127 25.27 -12.32 27.18
C LYS B 127 24.47 -12.84 25.99
N ASP B 128 23.27 -12.29 25.75
CA ASP B 128 22.44 -12.76 24.65
C ASP B 128 23.20 -12.69 23.33
N ARG B 129 22.76 -13.49 22.37
CA ARG B 129 23.42 -13.63 21.08
C ARG B 129 22.64 -12.91 19.99
N VAL B 130 23.25 -12.87 18.80
CA VAL B 130 22.60 -12.25 17.65
C VAL B 130 21.29 -12.95 17.32
N ARG B 131 21.27 -14.29 17.41
CA ARG B 131 20.05 -15.03 17.13
C ARG B 131 18.89 -14.51 17.97
N ASP B 132 19.17 -14.17 19.24
CA ASP B 132 18.12 -13.64 20.11
C ASP B 132 17.52 -12.35 19.56
N VAL B 133 18.36 -11.48 18.98
CA VAL B 133 17.87 -10.20 18.48
C VAL B 133 16.86 -10.42 17.36
N PHE B 134 17.14 -11.34 16.43
CA PHE B 134 16.21 -11.60 15.34
C PHE B 134 14.88 -12.11 15.87
N GLU B 135 14.91 -12.96 16.89
CA GLU B 135 13.67 -13.40 17.53
C GLU B 135 12.84 -12.22 18.00
N ALA B 136 13.49 -11.20 18.56
CA ALA B 136 12.78 -10.04 19.07
C ALA B 136 12.16 -9.22 17.94
N LYS B 137 12.94 -8.98 16.88
CA LYS B 137 12.43 -8.20 15.75
C LYS B 137 11.17 -8.83 15.17
N ALA B 138 11.08 -10.15 15.18
CA ALA B 138 9.91 -10.83 14.63
C ALA B 138 8.67 -10.58 15.48
N ARG B 139 8.79 -10.68 16.80
CA ARG B 139 7.63 -10.56 17.67
C ARG B 139 7.08 -9.14 17.66
N HIS B 140 7.93 -8.14 17.87
CA HIS B 140 7.49 -6.77 18.06
C HIS B 140 7.54 -5.93 16.79
N GLY B 141 8.58 -6.07 15.98
CA GLY B 141 8.68 -5.36 14.71
C GLY B 141 9.77 -4.32 14.64
N PHE B 142 10.58 -4.16 15.68
CA PHE B 142 11.67 -3.19 15.70
C PHE B 142 12.94 -3.85 16.19
N CYS B 143 14.08 -3.34 15.74
CA CYS B 143 15.37 -3.93 16.05
C CYS B 143 16.24 -3.07 16.95
N GLY B 144 15.82 -1.84 17.23
CA GLY B 144 16.58 -0.96 18.10
C GLY B 144 16.45 -1.35 19.56
N ILE B 145 17.48 -2.00 20.10
CA ILE B 145 17.43 -2.55 21.45
C ILE B 145 18.61 -2.00 22.24
N PRO B 146 18.39 -1.37 23.40
CA PRO B 146 19.52 -1.01 24.25
C PRO B 146 20.03 -2.21 25.03
N ILE B 147 21.33 -2.20 25.34
CA ILE B 147 21.97 -3.30 26.03
C ILE B 147 22.40 -2.82 27.41
N THR B 148 21.83 -3.44 28.44
CA THR B 148 22.19 -3.19 29.82
C THR B 148 22.37 -4.53 30.52
N ASP B 149 23.22 -4.55 31.54
CA ASP B 149 23.51 -5.78 32.27
C ASP B 149 22.73 -5.85 33.58
N GLY B 151 20.41 -7.57 32.18
CA GLY B 151 19.53 -7.52 31.02
C GLY B 151 18.15 -7.02 31.40
N ARG B 152 18.10 -6.00 32.24
CA ARG B 152 16.84 -5.47 32.76
C ARG B 152 16.88 -3.96 32.76
N MET B 153 15.73 -3.36 33.09
CA MET B 153 15.57 -1.92 32.96
C MET B 153 16.43 -1.15 33.95
N GLY B 154 16.53 -1.64 35.19
CA GLY B 154 17.27 -0.92 36.22
C GLY B 154 18.77 -0.92 36.04
N SER B 155 19.30 -1.82 35.22
CA SER B 155 20.74 -2.04 35.17
C SER B 155 21.45 -0.92 34.42
N ARG B 156 22.78 -0.96 34.47
CA ARG B 156 23.58 0.07 33.79
C ARG B 156 23.57 -0.14 32.28
N LEU B 157 24.09 0.85 31.56
CA LEU B 157 24.14 0.78 30.10
C LEU B 157 25.57 0.43 29.66
N VAL B 158 25.73 -0.60 28.85
CA VAL B 158 27.05 -0.98 28.39
C VAL B 158 27.45 -0.15 27.18
N ILE B 160 24.02 -0.22 22.94
CA ILE B 160 22.84 -0.10 22.09
C ILE B 160 23.02 -0.87 20.79
N ILE B 161 21.94 -1.47 20.31
CA ILE B 161 21.93 -2.20 19.05
C ILE B 161 20.96 -1.53 18.09
N SER B 162 21.40 -1.40 16.84
CA SER B 162 20.58 -0.84 15.77
C SER B 162 20.36 -1.89 14.69
N SER B 163 19.45 -1.58 13.76
CA SER B 163 19.19 -2.47 12.64
C SER B 163 20.43 -2.63 11.75
N ARG B 164 21.26 -1.60 11.66
CA ARG B 164 22.46 -1.68 10.82
C ARG B 164 23.53 -2.59 11.43
N ASP B 165 23.50 -2.80 12.74
CA ASP B 165 24.46 -3.69 13.38
C ASP B 165 24.20 -5.14 13.01
N ILE B 166 22.93 -5.54 12.91
CA ILE B 166 22.55 -6.91 12.60
C ILE B 166 22.02 -7.06 11.18
N ASP B 167 22.16 -6.02 10.34
CA ASP B 167 21.54 -6.05 9.03
C ASP B 167 22.08 -7.19 8.17
N PHE B 168 23.39 -7.20 7.93
CA PHE B 168 24.05 -8.16 7.05
C PHE B 168 25.11 -8.92 7.84
N LEU B 169 24.89 -10.22 8.03
CA LEU B 169 25.84 -11.04 8.79
C LEU B 169 25.78 -12.50 8.36
N GLU B 173 24.64 -16.19 8.51
CA GLU B 173 24.32 -17.18 9.52
C GLU B 173 25.31 -17.11 10.69
N HIS B 174 25.24 -16.02 11.44
CA HIS B 174 26.06 -15.83 12.62
C HIS B 174 25.16 -15.65 13.84
N ASP B 175 25.70 -15.99 15.01
CA ASP B 175 24.92 -15.95 16.24
C ASP B 175 25.85 -15.85 17.44
N CYS B 176 26.76 -14.89 17.41
CA CYS B 176 27.68 -14.64 18.50
C CYS B 176 27.00 -13.79 19.57
N PHE B 177 27.68 -13.66 20.71
CA PHE B 177 27.16 -12.84 21.80
C PHE B 177 26.98 -11.40 21.34
N LEU B 178 25.98 -10.74 21.91
CA LEU B 178 25.75 -9.33 21.57
C LEU B 178 27.03 -8.53 21.79
N GLU B 179 27.80 -8.91 22.80
CA GLU B 179 29.16 -8.41 22.97
C GLU B 179 29.88 -8.34 21.63
N ILE B 181 29.23 -6.91 17.99
CA ILE B 181 28.07 -6.35 17.32
C ILE B 181 27.61 -5.07 18.01
N MET B 182 27.23 -5.19 19.28
CA MET B 182 26.76 -4.04 20.03
C MET B 182 27.80 -2.94 19.97
N THR B 183 27.42 -1.72 20.31
CA THR B 183 28.36 -0.62 20.32
C THR B 183 28.48 -0.06 21.74
N LYS B 184 29.70 0.03 22.27
CA LYS B 184 29.91 0.55 23.61
C LYS B 184 29.75 2.06 23.66
N ARG B 185 29.43 2.59 24.84
CA ARG B 185 29.28 4.03 24.99
C ARG B 185 30.62 4.68 25.28
N LEU B 188 29.43 7.47 22.24
CA LEU B 188 27.97 7.51 22.32
C LEU B 188 27.52 8.70 23.16
N VAL B 189 26.27 9.10 22.94
CA VAL B 189 25.65 10.22 23.65
C VAL B 189 24.48 9.71 24.46
N VAL B 190 24.35 10.22 25.69
CA VAL B 190 23.25 9.89 26.59
C VAL B 190 22.71 11.20 27.15
N ALA B 191 21.50 11.13 27.69
CA ALA B 191 20.86 12.31 28.24
C ALA B 191 20.50 12.08 29.71
N PRO B 192 20.46 13.13 30.52
CA PRO B 192 20.15 12.96 31.94
C PRO B 192 18.68 12.71 32.18
N ALA B 193 18.38 11.84 33.15
CA ALA B 193 17.01 11.61 33.54
C ALA B 193 16.41 12.87 34.14
N GLY B 194 15.09 13.02 33.99
CA GLY B 194 14.40 14.19 34.50
C GLY B 194 14.24 15.30 33.49
N ILE B 195 15.07 15.32 32.44
CA ILE B 195 15.00 16.39 31.46
C ILE B 195 13.62 16.40 30.80
N THR B 196 13.29 17.53 30.17
CA THR B 196 12.02 17.67 29.49
C THR B 196 12.05 16.89 28.17
N LEU B 197 10.86 16.51 27.70
CA LEU B 197 10.79 15.81 26.43
C LEU B 197 11.37 16.64 25.29
N LYS B 198 10.97 17.91 25.20
CA LYS B 198 11.50 18.78 24.15
C LYS B 198 13.02 18.80 24.19
N GLU B 199 13.60 18.95 25.38
CA GLU B 199 15.05 18.96 25.51
C GLU B 199 15.65 17.66 24.97
N ALA B 200 15.10 16.53 25.38
CA ALA B 200 15.61 15.24 24.92
C ALA B 200 15.58 15.13 23.40
N ASN B 201 14.59 15.75 22.75
CA ASN B 201 14.50 15.69 21.30
C ASN B 201 15.59 16.53 20.63
N GLU B 202 15.87 17.71 21.19
CA GLU B 202 16.92 18.55 20.64
C GLU B 202 18.27 17.83 20.65
N ILE B 203 18.56 17.09 21.73
CA ILE B 203 19.78 16.30 21.77
C ILE B 203 19.75 15.23 20.68
N LEU B 204 18.61 14.54 20.55
CA LEU B 204 18.49 13.49 19.55
C LEU B 204 18.66 14.05 18.15
N GLN B 205 18.02 15.19 17.86
CA GLN B 205 18.13 15.79 16.54
C GLN B 205 19.56 16.23 16.24
N ARG B 206 20.29 16.70 17.25
CA ARG B 206 21.66 17.14 17.03
C ARG B 206 22.60 15.96 16.79
N SER B 207 22.39 14.85 17.52
CA SER B 207 23.25 13.67 17.36
C SER B 207 23.05 12.98 16.03
N LYS B 208 21.92 13.18 15.36
CA LYS B 208 21.60 12.52 14.11
C LYS B 208 21.56 11.00 14.24
N LYS B 209 21.50 10.48 15.47
CA LYS B 209 21.40 9.05 15.69
C LYS B 209 19.94 8.66 15.77
N GLY B 210 19.68 7.35 15.80
CA GLY B 210 18.32 6.87 15.74
C GLY B 210 17.58 6.93 17.07
N LYS B 211 18.30 6.85 18.19
CA LYS B 211 17.68 6.86 19.50
C LYS B 211 18.58 7.60 20.47
N LEU B 212 18.01 8.01 21.59
CA LEU B 212 18.76 8.71 22.64
C LEU B 212 18.42 8.05 23.97
N PRO B 213 19.35 7.32 24.59
CA PRO B 213 19.05 6.74 25.90
C PRO B 213 19.02 7.79 27.00
N ILE B 214 18.20 7.51 28.01
CA ILE B 214 18.10 8.35 29.20
C ILE B 214 18.51 7.50 30.40
N VAL B 215 19.35 8.07 31.27
CA VAL B 215 19.94 7.33 32.38
C VAL B 215 19.90 8.17 33.64
N ASN B 216 20.04 7.49 34.78
CA ASN B 216 20.09 8.14 36.08
C ASN B 216 21.51 8.60 36.39
N GLU B 217 21.62 9.42 37.45
CA GLU B 217 22.91 9.97 37.88
C GLU B 217 23.94 8.86 38.09
N ASP B 219 24.47 5.67 36.12
CA ASP B 219 24.28 5.60 34.67
C ASP B 219 23.51 4.34 34.28
N GLU B 220 22.27 4.25 34.76
CA GLU B 220 21.38 3.13 34.46
C GLU B 220 20.21 3.61 33.63
N LEU B 221 19.71 2.73 32.76
CA LEU B 221 18.70 3.10 31.79
C LEU B 221 17.35 3.30 32.45
N VAL B 222 16.79 4.51 32.33
CA VAL B 222 15.46 4.81 32.83
C VAL B 222 14.44 4.94 31.71
N ALA B 223 14.86 5.35 30.50
CA ALA B 223 13.96 5.48 29.36
C ALA B 223 14.79 5.79 28.15
N ILE B 224 14.18 5.64 26.97
CA ILE B 224 14.79 6.01 25.70
C ILE B 224 13.75 6.71 24.84
N ILE B 225 14.22 7.47 23.87
CA ILE B 225 13.36 8.10 22.87
C ILE B 225 13.87 7.71 21.49
N ALA B 226 12.94 7.60 20.55
CA ALA B 226 13.24 7.12 19.21
C ALA B 226 13.09 8.26 18.20
N ARG B 227 13.99 8.28 17.21
CA ARG B 227 13.96 9.35 16.21
C ARG B 227 12.71 9.26 15.34
N THR B 228 12.25 8.04 15.04
CA THR B 228 11.11 7.89 14.15
C THR B 228 9.85 8.50 14.76
N ASP B 229 9.72 8.46 16.08
CA ASP B 229 8.59 9.12 16.73
C ASP B 229 8.51 10.59 16.34
N LEU B 230 9.65 11.26 16.24
CA LEU B 230 9.66 12.64 15.74
C LEU B 230 9.19 12.70 14.30
N LYS B 231 9.56 11.70 13.49
CA LYS B 231 9.10 11.67 12.10
C LYS B 231 7.61 11.45 12.00
N LYS B 232 7.03 10.69 12.92
CA LYS B 232 5.57 10.50 12.93
C LYS B 232 4.87 11.78 13.32
N ASN B 233 5.40 12.50 14.32
CA ASN B 233 4.81 13.77 14.70
C ASN B 233 4.77 14.73 13.52
N ARG B 234 5.82 14.73 12.71
CA ARG B 234 5.86 15.61 11.54
C ARG B 234 4.90 15.14 10.46
N ASP B 235 4.85 13.83 10.21
CA ASP B 235 4.06 13.31 9.10
C ASP B 235 2.56 13.30 9.39
N TYR B 236 2.16 13.29 10.66
CA TYR B 236 0.75 13.28 11.05
C TYR B 236 0.51 14.42 12.02
N PRO B 237 0.39 15.65 11.53
CA PRO B 237 0.28 16.80 12.44
C PRO B 237 -0.95 16.77 13.33
N LEU B 238 -2.08 16.26 12.85
CA LEU B 238 -3.33 16.24 13.61
C LEU B 238 -3.65 14.82 14.07
N ALA B 239 -2.83 14.30 14.98
CA ALA B 239 -2.99 12.96 15.51
C ALA B 239 -3.53 13.03 16.93
N SER B 240 -4.37 12.05 17.28
CA SER B 240 -5.01 12.01 18.59
C SER B 240 -4.10 11.27 19.57
N LYS B 241 -3.49 12.03 20.47
CA LYS B 241 -2.50 11.49 21.40
C LYS B 241 -2.80 11.98 22.82
N ASP B 242 -2.37 11.21 23.80
CA ASP B 242 -2.50 11.57 25.20
C ASP B 242 -1.28 12.37 25.64
N ALA B 243 -1.12 12.56 26.96
CA ALA B 243 -0.01 13.37 27.47
C ALA B 243 1.33 12.69 27.22
N LYS B 244 1.37 11.37 27.17
CA LYS B 244 2.59 10.63 26.90
C LYS B 244 2.90 10.49 25.42
N LYS B 245 2.25 11.27 24.56
CA LYS B 245 2.46 11.23 23.12
C LYS B 245 2.08 9.89 22.49
N GLN B 246 1.30 9.08 23.22
CA GLN B 246 0.78 7.83 22.68
C GLN B 246 -0.59 8.06 22.03
N LEU B 247 -0.87 7.31 20.98
CA LEU B 247 -2.14 7.43 20.28
C LEU B 247 -3.29 7.12 21.24
N LEU B 248 -4.43 7.75 20.98
CA LEU B 248 -5.63 7.47 21.77
C LEU B 248 -6.30 6.20 21.26
N CYS B 249 -6.92 5.47 22.20
CA CYS B 249 -7.58 4.22 21.87
C CYS B 249 -8.80 4.04 22.76
N GLY B 250 -9.89 3.61 22.15
CA GLY B 250 -11.12 3.28 22.85
C GLY B 250 -11.41 1.79 22.72
N ALA B 251 -12.40 1.35 23.49
CA ALA B 251 -12.80 -0.04 23.46
C ALA B 251 -14.24 -0.18 23.94
N ALA B 252 -14.91 -1.21 23.45
CA ALA B 252 -16.29 -1.49 23.81
C ALA B 252 -16.34 -2.62 24.82
N ILE B 253 -17.34 -2.58 25.69
CA ILE B 253 -17.59 -3.64 26.68
C ILE B 253 -19.10 -3.74 26.89
N GLY B 254 -19.52 -4.82 27.57
CA GLY B 254 -20.90 -5.01 27.93
C GLY B 254 -21.20 -4.51 29.32
N THR B 255 -22.39 -4.86 29.80
CA THR B 255 -22.86 -4.44 31.12
C THR B 255 -23.04 -5.60 32.09
N HIS B 256 -22.58 -6.80 31.73
CA HIS B 256 -22.69 -7.94 32.62
C HIS B 256 -21.55 -7.92 33.64
N GLU B 257 -21.74 -8.67 34.73
CA GLU B 257 -20.70 -8.77 35.74
C GLU B 257 -19.38 -9.22 35.15
N ASP B 258 -19.43 -10.10 34.14
CA ASP B 258 -18.21 -10.62 33.53
C ASP B 258 -17.40 -9.55 32.82
N ASP B 259 -18.03 -8.43 32.45
CA ASP B 259 -17.31 -7.37 31.76
C ASP B 259 -16.49 -6.50 32.70
N LYS B 260 -16.64 -6.66 34.02
CA LYS B 260 -15.79 -5.94 34.95
C LYS B 260 -14.34 -6.42 34.87
N TYR B 261 -14.14 -7.72 34.65
CA TYR B 261 -12.78 -8.23 34.47
C TYR B 261 -12.19 -7.77 33.15
N ARG B 262 -12.97 -7.84 32.07
CA ARG B 262 -12.53 -7.31 30.80
C ARG B 262 -12.14 -5.85 30.92
N LEU B 263 -12.87 -5.10 31.73
CA LEU B 263 -12.55 -3.70 31.96
C LEU B 263 -11.17 -3.53 32.58
N ASP B 264 -10.89 -4.29 33.65
CA ASP B 264 -9.59 -4.23 34.30
C ASP B 264 -8.46 -4.37 33.29
N LEU B 265 -8.58 -5.36 32.40
CA LEU B 265 -7.55 -5.59 31.39
C LEU B 265 -7.40 -4.38 30.49
N LEU B 266 -8.52 -3.78 30.06
CA LEU B 266 -8.43 -2.62 29.19
C LEU B 266 -7.84 -1.42 29.92
N ALA B 267 -8.23 -1.22 31.19
CA ALA B 267 -7.63 -0.16 31.98
C ALA B 267 -6.14 -0.38 32.14
N GLN B 268 -5.74 -1.62 32.46
CA GLN B 268 -4.32 -1.94 32.57
C GLN B 268 -3.62 -1.79 31.23
N ALA B 269 -4.30 -2.16 30.14
CA ALA B 269 -3.75 -1.97 28.80
C ALA B 269 -3.70 -0.50 28.40
N GLY B 270 -4.26 0.40 29.21
CA GLY B 270 -4.13 1.81 28.96
C GLY B 270 -5.20 2.41 28.07
N VAL B 271 -6.40 1.82 28.02
CA VAL B 271 -7.46 2.35 27.18
C VAL B 271 -7.84 3.73 27.70
N ASP B 272 -8.16 4.64 26.78
CA ASP B 272 -8.43 6.03 27.13
C ASP B 272 -9.91 6.32 27.34
N VAL B 273 -10.80 5.55 26.73
CA VAL B 273 -12.23 5.82 26.80
C VAL B 273 -12.97 4.51 26.53
N VAL B 274 -14.13 4.36 27.16
CA VAL B 274 -14.89 3.12 27.12
C VAL B 274 -16.33 3.40 26.69
N VAL B 275 -16.86 2.53 25.83
CA VAL B 275 -18.25 2.61 25.38
C VAL B 275 -18.99 1.38 25.85
N LEU B 276 -20.20 1.57 26.37
CA LEU B 276 -21.05 0.48 26.81
C LEU B 276 -21.93 0.08 25.62
N ASP B 277 -21.59 -1.03 24.99
CA ASP B 277 -22.29 -1.48 23.78
C ASP B 277 -23.66 -2.02 24.15
N SER B 278 -24.70 -1.31 23.73
CA SER B 278 -26.07 -1.70 24.00
C SER B 278 -26.98 -1.02 22.99
N SER B 279 -28.05 -1.71 22.61
CA SER B 279 -29.01 -1.15 21.67
C SER B 279 -30.06 -0.27 22.36
N GLN B 280 -30.24 -0.45 23.68
CA GLN B 280 -31.19 0.35 24.46
C GLN B 280 -30.51 0.59 25.81
N GLY B 281 -29.82 1.72 25.92
CA GLY B 281 -28.94 1.99 27.05
C GLY B 281 -29.60 2.44 28.33
N ASN B 282 -30.91 2.70 28.30
CA ASN B 282 -31.61 3.24 29.48
C ASN B 282 -32.06 2.07 30.36
N SER B 283 -31.12 1.57 31.16
CA SER B 283 -31.40 0.40 31.99
C SER B 283 -30.59 0.48 33.28
N ILE B 284 -31.13 -0.18 34.33
CA ILE B 284 -30.38 -0.32 35.58
C ILE B 284 -29.02 -0.93 35.32
N PHE B 285 -28.97 -1.92 34.42
CA PHE B 285 -27.72 -2.62 34.17
C PHE B 285 -26.62 -1.67 33.72
N GLN B 286 -26.96 -0.76 32.81
CA GLN B 286 -25.96 0.19 32.33
C GLN B 286 -25.70 1.28 33.35
N ILE B 287 -26.75 1.73 34.05
CA ILE B 287 -26.57 2.74 35.09
C ILE B 287 -25.59 2.23 36.14
N ASN B 288 -25.86 1.03 36.69
CA ASN B 288 -24.96 0.46 37.69
C ASN B 288 -23.54 0.34 37.17
N MET B 289 -23.38 -0.08 35.91
CA MET B 289 -22.04 -0.25 35.36
C MET B 289 -21.30 1.08 35.27
N ILE B 290 -21.99 2.12 34.82
CA ILE B 290 -21.37 3.44 34.71
C ILE B 290 -20.84 3.88 36.06
N LYS B 291 -21.67 3.78 37.10
CA LYS B 291 -21.25 4.17 38.45
C LYS B 291 -20.02 3.38 38.88
N TYR B 292 -19.98 2.08 38.59
CA TYR B 292 -18.84 1.27 38.98
C TYR B 292 -17.55 1.78 38.33
N ILE B 293 -17.63 2.24 37.09
CA ILE B 293 -16.43 2.66 36.37
C ILE B 293 -15.96 4.03 36.84
N LYS B 294 -16.88 4.98 37.01
CA LYS B 294 -16.50 6.30 37.50
C LYS B 294 -15.99 6.24 38.93
N ASP B 295 -16.29 5.16 39.66
CA ASP B 295 -15.76 4.97 41.00
C ASP B 295 -14.38 4.31 40.98
N LYS B 296 -14.22 3.23 40.20
CA LYS B 296 -12.96 2.49 40.18
C LYS B 296 -11.90 3.22 39.36
N TYR B 297 -12.27 3.74 38.19
CA TYR B 297 -11.35 4.44 37.30
C TYR B 297 -11.89 5.84 37.01
N PRO B 298 -11.79 6.75 37.98
CA PRO B 298 -12.31 8.12 37.74
C PRO B 298 -11.75 8.75 36.47
N ASN B 299 -10.43 8.63 36.28
CA ASN B 299 -9.80 9.21 35.09
CA ASN B 299 -9.80 9.21 35.09
C ASN B 299 -10.49 8.74 33.81
N LEU B 300 -10.85 7.46 33.75
CA LEU B 300 -11.39 6.88 32.53
C LEU B 300 -12.69 7.55 32.11
N GLN B 301 -12.85 7.73 30.79
CA GLN B 301 -14.03 8.32 30.19
C GLN B 301 -15.01 7.24 29.75
N VAL B 302 -16.31 7.51 29.90
CA VAL B 302 -17.36 6.52 29.64
C VAL B 302 -18.41 7.14 28.72
N ILE B 303 -18.97 6.31 27.84
CA ILE B 303 -19.93 6.75 26.83
C ILE B 303 -21.22 5.94 26.98
N GLY B 304 -22.35 6.65 27.00
CA GLY B 304 -23.63 5.99 27.20
C GLY B 304 -24.10 5.22 25.98
N GLY B 305 -24.80 4.13 26.23
CA GLY B 305 -25.00 3.09 25.23
C GLY B 305 -26.28 3.18 24.42
N ASN B 306 -26.30 4.09 23.44
CA ASN B 306 -27.37 4.17 22.45
C ASN B 306 -28.69 4.61 23.06
N VAL B 307 -29.02 5.88 22.88
CA VAL B 307 -30.27 6.47 23.32
C VAL B 307 -30.83 7.25 22.13
N VAL B 308 -32.14 7.52 22.18
CA VAL B 308 -32.78 8.24 21.09
C VAL B 308 -33.79 9.25 21.62
N THR B 309 -33.82 9.45 22.94
CA THR B 309 -34.71 10.42 23.55
C THR B 309 -34.00 11.10 24.70
N ALA B 310 -34.47 12.31 25.03
CA ALA B 310 -33.91 13.02 26.17
C ALA B 310 -34.18 12.29 27.47
N ALA B 311 -35.36 11.69 27.60
CA ALA B 311 -35.69 10.93 28.81
C ALA B 311 -34.65 9.86 29.10
N GLN B 312 -34.24 9.12 28.06
CA GLN B 312 -33.18 8.13 28.26
C GLN B 312 -31.87 8.82 28.65
N ALA B 313 -31.55 9.93 27.99
CA ALA B 313 -30.28 10.59 28.23
C ALA B 313 -30.16 11.06 29.67
N LYS B 314 -31.27 11.48 30.29
CA LYS B 314 -31.20 12.00 31.64
C LYS B 314 -30.63 10.98 32.61
N ASN B 315 -31.11 9.73 32.53
CA ASN B 315 -30.67 8.71 33.47
C ASN B 315 -29.17 8.44 33.33
N LEU B 316 -28.66 8.45 32.10
CA LEU B 316 -27.25 8.15 31.88
C LEU B 316 -26.34 9.32 32.24
N ILE B 317 -26.78 10.56 31.95
CA ILE B 317 -25.98 11.72 32.34
C ILE B 317 -25.89 11.80 33.87
N ASP B 318 -27.02 11.59 34.56
CA ASP B 318 -27.00 11.60 36.01
C ASP B 318 -26.05 10.53 36.57
N ALA B 319 -25.89 9.42 35.86
CA ALA B 319 -25.02 8.34 36.32
C ALA B 319 -23.55 8.68 36.18
N GLY B 320 -23.20 9.76 35.50
CA GLY B 320 -21.82 10.20 35.39
C GLY B 320 -21.20 10.02 34.03
N VAL B 321 -22.00 9.78 32.99
CA VAL B 321 -21.47 9.55 31.66
C VAL B 321 -20.73 10.78 31.14
N ASP B 322 -19.71 10.54 30.31
CA ASP B 322 -18.91 11.62 29.74
C ASP B 322 -19.25 11.93 28.29
N ALA B 323 -20.07 11.11 27.64
CA ALA B 323 -20.54 11.36 26.28
C ALA B 323 -21.67 10.39 25.98
N LEU B 324 -22.43 10.68 24.93
CA LEU B 324 -23.59 9.86 24.59
C LEU B 324 -23.51 9.34 23.16
N ARG B 325 -23.92 8.09 23.00
CA ARG B 325 -24.01 7.43 21.71
C ARG B 325 -25.48 7.41 21.31
N VAL B 326 -25.79 7.96 20.15
CA VAL B 326 -27.19 8.19 19.75
C VAL B 326 -27.47 7.43 18.47
N GLY B 327 -28.52 6.61 18.51
CA GLY B 327 -28.90 5.82 17.36
C GLY B 327 -29.59 4.52 17.73
N MET B 328 -30.77 4.28 17.20
CA MET B 328 -31.46 3.01 17.40
C MET B 328 -32.19 2.64 16.12
N GLY B 329 -31.86 1.48 15.55
CA GLY B 329 -32.50 1.00 14.35
C GLY B 329 -32.12 1.79 13.11
N SER B 330 -30.83 2.06 12.93
CA SER B 330 -30.37 2.81 11.77
C SER B 330 -28.95 2.36 11.42
N GLY B 331 -28.81 1.60 10.35
CA GLY B 331 -27.50 1.21 9.86
C GLY B 331 -27.45 -0.24 9.39
N SER B 332 -26.47 -0.52 8.53
CA SER B 332 -26.29 -1.87 7.99
C SER B 332 -27.58 -2.39 7.36
N ILE B 335 -31.08 -4.45 12.28
CA ILE B 335 -32.50 -4.60 12.00
C ILE B 335 -33.29 -4.55 13.31
N THR B 336 -32.98 -3.55 14.15
CA THR B 336 -33.67 -3.41 15.42
C THR B 336 -35.14 -3.06 15.22
N GLN B 337 -35.42 -2.09 14.34
CA GLN B 337 -36.79 -1.67 14.11
C GLN B 337 -37.67 -2.82 13.67
N GLU B 338 -37.24 -3.58 12.66
CA GLU B 338 -38.03 -4.69 12.15
C GLU B 338 -38.12 -5.84 13.14
N VAL B 339 -37.11 -6.04 13.99
CA VAL B 339 -37.11 -7.18 14.90
C VAL B 339 -37.79 -6.86 16.23
N LEU B 340 -37.58 -5.66 16.77
CA LEU B 340 -38.10 -5.30 18.08
C LEU B 340 -39.12 -4.17 18.04
N ALA B 341 -39.43 -3.63 16.87
CA ALA B 341 -40.43 -2.57 16.69
C ALA B 341 -40.04 -1.25 17.34
N CYS B 342 -38.81 -1.13 17.85
CA CYS B 342 -38.40 0.02 18.63
C CYS B 342 -37.23 0.73 17.95
N GLY B 343 -37.24 2.05 17.99
CA GLY B 343 -36.17 2.83 17.40
C GLY B 343 -36.62 4.26 17.15
N ARG B 344 -35.86 4.96 16.30
CA ARG B 344 -36.18 6.33 15.93
C ARG B 344 -35.37 6.78 14.73
N PRO B 345 -35.96 7.55 13.80
CA PRO B 345 -35.16 8.11 12.70
C PRO B 345 -34.01 8.95 13.22
N GLN B 346 -32.86 8.80 12.57
CA GLN B 346 -31.60 9.22 13.17
C GLN B 346 -31.51 10.74 13.29
N ALA B 347 -31.89 11.48 12.24
CA ALA B 347 -31.71 12.93 12.26
C ALA B 347 -32.47 13.54 13.43
N THR B 348 -33.72 13.16 13.61
CA THR B 348 -34.49 13.66 14.75
C THR B 348 -33.85 13.21 16.06
N ALA B 349 -33.37 11.97 16.13
CA ALA B 349 -32.80 11.47 17.37
C ALA B 349 -31.56 12.26 17.76
N VAL B 350 -30.68 12.54 16.81
CA VAL B 350 -29.47 13.30 17.12
C VAL B 350 -29.85 14.69 17.64
N TYR B 351 -30.71 15.39 16.92
CA TYR B 351 -31.08 16.74 17.33
C TYR B 351 -31.76 16.73 18.69
N LYS B 352 -32.66 15.78 18.93
CA LYS B 352 -33.41 15.76 20.18
C LYS B 352 -32.48 15.54 21.38
N VAL B 353 -31.55 14.59 21.25
CA VAL B 353 -30.63 14.30 22.35
C VAL B 353 -29.56 15.37 22.46
N SER B 354 -29.07 15.88 21.33
CA SER B 354 -28.03 16.90 21.38
C SER B 354 -28.54 18.15 22.09
N GLU B 355 -29.78 18.56 21.81
CA GLU B 355 -30.34 19.73 22.47
C GLU B 355 -30.29 19.58 23.98
N TYR B 356 -30.59 18.39 24.49
CA TYR B 356 -30.63 18.17 25.93
C TYR B 356 -29.24 17.98 26.52
N ALA B 357 -28.40 17.19 25.86
CA ALA B 357 -27.10 16.84 26.43
C ALA B 357 -26.19 18.05 26.55
N ARG B 358 -26.25 18.97 25.57
CA ARG B 358 -25.36 20.13 25.60
C ARG B 358 -25.58 20.97 26.85
N ARG B 359 -26.77 20.90 27.45
CA ARG B 359 -27.02 21.66 28.67
C ARG B 359 -26.08 21.21 29.78
N PHE B 360 -25.70 19.93 29.77
CA PHE B 360 -24.78 19.35 30.74
C PHE B 360 -23.37 19.19 30.19
N GLY B 361 -23.09 19.76 29.02
CA GLY B 361 -21.76 19.66 28.45
C GLY B 361 -21.37 18.23 28.10
N VAL B 362 -22.32 17.43 27.63
CA VAL B 362 -22.10 16.04 27.28
C VAL B 362 -22.12 15.93 25.76
N PRO B 363 -20.99 15.65 25.09
CA PRO B 363 -21.01 15.50 23.64
C PRO B 363 -21.87 14.33 23.20
N VAL B 364 -22.37 14.40 21.97
CA VAL B 364 -23.18 13.34 21.37
C VAL B 364 -22.42 12.76 20.19
N ILE B 365 -22.40 11.43 20.11
CA ILE B 365 -21.78 10.73 18.99
C ILE B 365 -22.91 10.16 18.14
N ALA B 366 -23.09 10.71 16.93
CA ALA B 366 -24.10 10.21 16.01
C ALA B 366 -23.66 8.87 15.46
N ASP B 367 -24.43 7.82 15.72
CA ASP B 367 -24.02 6.45 15.43
C ASP B 367 -25.01 5.80 14.48
N GLY B 368 -24.54 5.45 13.29
CA GLY B 368 -25.32 4.65 12.35
C GLY B 368 -26.12 5.50 11.39
N GLY B 369 -26.33 4.93 10.20
CA GLY B 369 -27.10 5.58 9.16
C GLY B 369 -26.33 6.51 8.25
N ILE B 370 -25.01 6.59 8.40
CA ILE B 370 -24.19 7.53 7.64
C ILE B 370 -23.56 6.78 6.48
N GLN B 371 -24.00 7.09 5.26
CA GLN B 371 -23.50 6.43 4.06
C GLN B 371 -22.60 7.31 3.20
N ASN B 372 -22.60 8.62 3.40
CA ASN B 372 -21.84 9.52 2.57
C ASN B 372 -21.42 10.74 3.39
N VAL B 373 -20.75 11.68 2.72
CA VAL B 373 -20.20 12.85 3.41
C VAL B 373 -21.32 13.80 3.84
N GLY B 374 -22.37 13.95 3.02
CA GLY B 374 -23.43 14.84 3.39
C GLY B 374 -24.08 14.47 4.70
N HIS B 375 -24.28 13.17 4.93
CA HIS B 375 -24.85 12.72 6.19
C HIS B 375 -23.96 13.07 7.37
N ILE B 376 -22.65 12.98 7.21
CA ILE B 376 -21.74 13.40 8.27
C ILE B 376 -21.96 14.87 8.58
N ALA B 377 -21.90 15.72 7.55
CA ALA B 377 -22.11 17.15 7.75
C ALA B 377 -23.45 17.42 8.43
N LYS B 378 -24.50 16.73 8.00
CA LYS B 378 -25.82 16.95 8.58
C LYS B 378 -25.85 16.55 10.06
N ALA B 379 -25.30 15.38 10.38
CA ALA B 379 -25.31 14.94 11.78
C ALA B 379 -24.64 15.96 12.68
N LEU B 380 -23.47 16.45 12.27
CA LEU B 380 -22.78 17.48 13.05
C LEU B 380 -23.62 18.76 13.14
N ALA B 381 -24.22 19.18 12.02
CA ALA B 381 -24.99 20.41 12.03
C ALA B 381 -26.17 20.35 13.00
N LEU B 382 -26.69 19.16 13.26
CA LEU B 382 -27.86 19.04 14.12
C LEU B 382 -27.51 18.93 15.59
N GLY B 383 -26.23 18.95 15.94
CA GLY B 383 -25.83 18.98 17.34
C GLY B 383 -24.85 17.90 17.72
N ALA B 384 -24.60 16.94 16.84
CA ALA B 384 -23.64 15.89 17.13
C ALA B 384 -22.24 16.48 17.21
N SER B 385 -21.46 16.03 18.20
CA SER B 385 -20.07 16.45 18.29
C SER B 385 -19.17 15.63 17.38
N THR B 386 -19.47 14.34 17.25
CA THR B 386 -18.74 13.44 16.36
C THR B 386 -19.74 12.47 15.75
N VAL B 387 -19.28 11.78 14.70
CA VAL B 387 -20.10 10.77 14.03
C VAL B 387 -19.32 9.46 14.03
N MET B 388 -20.04 8.37 14.25
CA MET B 388 -19.46 7.04 14.28
C MET B 388 -19.81 6.31 13.00
N MET B 389 -18.79 5.84 12.30
CA MET B 389 -18.98 5.13 11.04
C MET B 389 -18.62 3.66 11.21
N GLY B 390 -19.42 2.79 10.61
CA GLY B 390 -19.13 1.38 10.58
C GLY B 390 -19.14 0.86 9.15
N SER B 391 -20.32 0.90 8.53
CA SER B 391 -20.45 0.45 7.15
C SER B 391 -19.47 1.18 6.23
N LEU B 392 -19.36 2.50 6.38
CA LEU B 392 -18.53 3.29 5.47
C LEU B 392 -17.08 2.86 5.52
N LEU B 393 -16.56 2.58 6.72
CA LEU B 393 -15.14 2.27 6.88
C LEU B 393 -14.82 0.81 6.60
N ALA B 394 -15.80 -0.09 6.75
CA ALA B 394 -15.57 -1.46 6.34
C ALA B 394 -15.14 -1.49 4.88
N ALA B 395 -14.40 -2.53 4.50
CA ALA B 395 -13.83 -2.66 3.17
C ALA B 395 -12.71 -1.65 2.92
N THR B 396 -12.19 -1.02 3.97
CA THR B 396 -10.92 -0.32 3.89
C THR B 396 -9.81 -1.28 4.29
N THR B 397 -8.64 -1.12 3.67
CA THR B 397 -7.56 -2.08 3.88
C THR B 397 -7.25 -2.24 5.37
N GLU B 398 -7.42 -1.18 6.16
CA GLU B 398 -7.18 -1.28 7.59
C GLU B 398 -8.27 -2.08 8.30
N ALA B 399 -9.40 -2.31 7.66
CA ALA B 399 -10.46 -3.06 8.31
C ALA B 399 -10.01 -4.51 8.52
N PRO B 400 -10.51 -5.17 9.57
CA PRO B 400 -10.09 -6.55 9.83
C PRO B 400 -10.61 -7.47 8.74
N GLY B 401 -9.70 -8.26 8.18
CA GLY B 401 -10.05 -9.20 7.14
C GLY B 401 -8.82 -9.61 6.36
N GLU B 402 -8.85 -10.81 5.78
CA GLU B 402 -7.73 -11.33 5.01
C GLU B 402 -8.14 -11.47 3.55
N TYR B 403 -7.35 -10.88 2.67
CA TYR B 403 -7.65 -10.99 1.25
C TYR B 403 -7.34 -12.40 0.79
N PHE B 404 -8.18 -12.93 -0.09
CA PHE B 404 -8.04 -14.30 -0.56
C PHE B 404 -7.90 -14.29 -2.07
N PHE B 405 -6.84 -14.93 -2.57
CA PHE B 405 -6.76 -15.29 -3.99
C PHE B 405 -7.37 -16.67 -4.17
N SER B 406 -8.70 -16.67 -4.27
CA SER B 406 -9.44 -17.88 -4.57
C SER B 406 -9.41 -18.05 -6.08
N ASP B 407 -10.22 -17.27 -6.78
CA ASP B 407 -10.16 -17.19 -8.24
C ASP B 407 -10.24 -15.77 -8.78
N GLY B 408 -10.88 -14.85 -8.06
CA GLY B 408 -11.23 -13.56 -8.62
C GLY B 408 -10.42 -12.37 -8.16
N ILE B 409 -10.67 -11.88 -6.93
CA ILE B 409 -10.23 -10.55 -6.53
C ILE B 409 -9.67 -10.57 -5.12
N ARG B 410 -8.71 -9.67 -4.89
CA ARG B 410 -8.12 -9.45 -3.57
C ARG B 410 -8.17 -7.97 -3.21
N GLN B 451 -17.11 -3.83 -1.04
CA GLN B 451 -16.33 -3.06 -2.00
C GLN B 451 -14.84 -3.04 -1.61
N ASP B 452 -14.19 -1.88 -1.79
CA ASP B 452 -12.81 -1.71 -1.35
C ASP B 452 -12.38 -0.26 -1.49
N LYS B 453 -12.63 0.54 -0.44
CA LYS B 453 -12.36 1.97 -0.49
C LYS B 453 -10.87 2.27 -0.61
N GLY B 454 -10.02 1.38 -0.13
CA GLY B 454 -8.59 1.62 -0.11
C GLY B 454 -8.09 1.88 1.30
N SER B 455 -6.94 2.54 1.38
CA SER B 455 -6.38 2.90 2.67
C SER B 455 -7.09 4.12 3.21
N ILE B 456 -7.28 4.16 4.53
CA ILE B 456 -7.99 5.28 5.15
C ILE B 456 -7.12 6.52 5.27
N HIS B 457 -5.81 6.41 5.02
CA HIS B 457 -4.98 7.60 4.97
C HIS B 457 -5.26 8.42 3.72
N LYS B 458 -5.93 7.83 2.73
CA LYS B 458 -6.47 8.58 1.60
C LYS B 458 -7.96 8.85 1.76
N PHE B 459 -8.68 8.01 2.50
CA PHE B 459 -10.13 8.10 2.57
C PHE B 459 -10.59 9.12 3.62
N VAL B 460 -9.98 9.12 4.81
CA VAL B 460 -10.38 10.08 5.83
C VAL B 460 -10.09 11.51 5.39
N PRO B 461 -8.90 11.84 4.87
CA PRO B 461 -8.67 13.20 4.35
C PRO B 461 -9.71 13.62 3.33
N TYR B 462 -10.31 12.67 2.61
CA TYR B 462 -11.43 13.01 1.73
C TYR B 462 -12.66 13.42 2.54
N LEU B 463 -12.96 12.67 3.61
CA LEU B 463 -14.06 13.06 4.48
C LEU B 463 -13.78 14.43 5.13
N ILE B 464 -12.54 14.66 5.54
CA ILE B 464 -12.18 15.94 6.14
C ILE B 464 -12.49 17.07 5.18
N ALA B 465 -12.05 16.95 3.93
CA ALA B 465 -12.24 18.02 2.96
C ALA B 465 -13.70 18.17 2.54
N GLY B 466 -14.46 17.08 2.59
CA GLY B 466 -15.88 17.18 2.27
C GLY B 466 -16.65 17.94 3.32
N ILE B 467 -16.30 17.74 4.59
CA ILE B 467 -16.93 18.48 5.67
C ILE B 467 -16.55 19.96 5.58
N GLN B 468 -15.28 20.25 5.31
CA GLN B 468 -14.84 21.64 5.23
C GLN B 468 -15.61 22.39 4.14
N HIS B 469 -15.79 21.77 2.98
CA HIS B 469 -16.54 22.44 1.91
C HIS B 469 -18.00 22.63 2.32
N SER B 470 -18.57 21.66 3.04
CA SER B 470 -19.95 21.81 3.49
C SER B 470 -20.09 23.01 4.43
N CYS B 471 -19.17 23.14 5.39
CA CYS B 471 -19.16 24.31 6.26
C CYS B 471 -19.00 25.59 5.46
N GLN B 472 -18.10 25.60 4.48
CA GLN B 472 -17.92 26.78 3.64
C GLN B 472 -19.23 27.18 2.98
N ASP B 473 -19.94 26.21 2.39
CA ASP B 473 -21.20 26.53 1.74
C ASP B 473 -22.20 27.12 2.73
N ILE B 474 -22.15 26.66 3.98
CA ILE B 474 -23.00 27.24 5.02
C ILE B 474 -22.54 28.65 5.38
N GLY B 475 -21.24 28.90 5.28
CA GLY B 475 -20.67 30.15 5.74
C GLY B 475 -20.09 30.11 7.14
N ALA B 476 -19.67 28.93 7.59
CA ALA B 476 -19.18 28.74 8.96
C ALA B 476 -17.72 28.29 8.92
N LYS B 477 -16.88 28.95 9.72
CA LYS B 477 -15.47 28.63 9.77
C LYS B 477 -15.15 27.46 10.71
N SER B 478 -16.09 27.03 11.55
CA SER B 478 -15.82 25.92 12.45
C SER B 478 -17.10 25.15 12.72
N LEU B 479 -16.94 23.90 13.14
CA LEU B 479 -18.09 23.09 13.56
C LEU B 479 -18.75 23.69 14.78
N THR B 480 -17.96 24.25 15.71
CA THR B 480 -18.53 24.95 16.84
C THR B 480 -19.47 26.05 16.39
N GLN B 481 -19.09 26.79 15.34
CA GLN B 481 -19.95 27.86 14.85
C GLN B 481 -21.23 27.31 14.24
N VAL B 482 -21.12 26.24 13.45
CA VAL B 482 -22.29 25.68 12.78
C VAL B 482 -23.37 25.35 13.81
N ARG B 483 -22.99 24.62 14.86
CA ARG B 483 -23.95 24.30 15.92
C ARG B 483 -24.55 25.58 16.50
N ALA B 484 -23.71 26.59 16.76
CA ALA B 484 -24.22 27.85 17.27
C ALA B 484 -25.22 28.48 16.30
N MET B 485 -24.94 28.38 15.00
CA MET B 485 -25.84 28.97 14.01
C MET B 485 -27.21 28.29 14.04
N MET B 486 -27.25 26.96 14.13
CA MET B 486 -28.53 26.28 14.07
C MET B 486 -29.32 26.48 15.36
N TYR B 487 -28.64 26.48 16.51
CA TYR B 487 -29.35 26.70 17.77
C TYR B 487 -29.90 28.12 17.84
N SER B 488 -29.15 29.10 17.34
CA SER B 488 -29.62 30.48 17.33
C SER B 488 -30.63 30.73 16.22
N GLY B 489 -30.83 29.78 15.30
CA GLY B 489 -31.79 29.92 14.24
C GLY B 489 -31.26 30.52 12.96
N GLU B 490 -30.00 30.98 12.94
CA GLU B 490 -29.43 31.53 11.72
C GLU B 490 -29.37 30.50 10.60
N LEU B 491 -29.03 29.26 10.94
CA LEU B 491 -28.90 28.22 9.94
C LEU B 491 -30.27 27.67 9.60
N LYS B 492 -30.63 27.70 8.31
CA LYS B 492 -31.99 27.44 7.86
C LYS B 492 -32.05 26.10 7.13
N PHE B 493 -33.19 25.43 7.26
CA PHE B 493 -33.39 24.10 6.70
C PHE B 493 -34.58 24.11 5.75
N GLU B 494 -34.60 23.11 4.87
CA GLU B 494 -35.69 22.91 3.92
C GLU B 494 -36.00 21.42 3.85
N LYS B 495 -37.28 21.10 3.77
CA LYS B 495 -37.76 19.73 3.83
C LYS B 495 -37.95 19.18 2.42
N ARG B 496 -37.48 17.95 2.19
CA ARG B 496 -37.55 17.33 0.89
C ARG B 496 -38.83 16.51 0.74
N THR B 497 -39.11 16.11 -0.50
CA THR B 497 -40.19 15.20 -0.85
C THR B 497 -39.62 14.00 -1.60
N SER B 498 -40.47 13.02 -1.87
CA SER B 498 -40.03 11.85 -2.62
C SER B 498 -39.40 12.26 -3.95
N SER B 499 -40.03 13.21 -4.66
CA SER B 499 -39.49 13.64 -5.94
C SER B 499 -38.17 14.38 -5.77
N ALA B 500 -38.06 15.21 -4.73
CA ALA B 500 -36.83 15.95 -4.51
C ALA B 500 -35.67 15.03 -4.14
N GLN B 501 -35.94 13.94 -3.42
CA GLN B 501 -34.87 13.00 -3.09
C GLN B 501 -34.28 12.36 -4.35
N VAL B 502 -35.15 11.93 -5.27
CA VAL B 502 -34.64 11.33 -6.51
C VAL B 502 -33.78 12.34 -7.25
N GLU B 503 -34.23 13.59 -7.34
CA GLU B 503 -33.48 14.65 -8.02
C GLU B 503 -32.27 15.06 -7.20
N GLY B 504 -31.31 14.16 -7.02
CA GLY B 504 -30.10 14.49 -6.31
C GLY B 504 -29.25 13.27 -5.99
N LYS B 514 -15.04 4.58 -5.13
CA LYS B 514 -13.67 4.81 -5.59
C LYS B 514 -13.45 4.17 -6.96
N ARG B 515 -13.06 4.97 -7.95
CA ARG B 515 -12.83 4.51 -9.31
C ARG B 515 -11.54 5.12 -9.85
N LEU B 516 -10.79 4.31 -10.59
CA LEU B 516 -9.53 4.75 -11.15
C LEU B 516 -9.75 5.51 -12.47
N PHE B 517 -8.73 6.28 -12.86
CA PHE B 517 -8.76 7.02 -14.11
C PHE B 517 -7.44 6.89 -14.87
#